data_2NQ1
# 
_entry.id   2NQ1 
# 
_audit_conform.dict_name       mmcif_pdbx.dic 
_audit_conform.dict_version    5.383 
_audit_conform.dict_location   http://mmcif.pdb.org/dictionaries/ascii/mmcif_pdbx.dic 
# 
loop_
_database_2.database_id 
_database_2.database_code 
_database_2.pdbx_database_accession 
_database_2.pdbx_DOI 
PDB   2NQ1         pdb_00002nq1 10.2210/pdb2nq1/pdb 
RCSB  RCSB040162   ?            ?                   
WWPDB D_1000040162 ?            ?                   
# 
loop_
_pdbx_audit_revision_history.ordinal 
_pdbx_audit_revision_history.data_content_type 
_pdbx_audit_revision_history.major_revision 
_pdbx_audit_revision_history.minor_revision 
_pdbx_audit_revision_history.revision_date 
1 'Structure model' 1 0 2007-06-12 
2 'Structure model' 1 1 2008-05-01 
3 'Structure model' 1 2 2011-07-13 
4 'Structure model' 1 3 2022-03-16 
5 'Structure model' 1 4 2023-12-27 
# 
_pdbx_audit_revision_details.ordinal             1 
_pdbx_audit_revision_details.revision_ordinal    1 
_pdbx_audit_revision_details.data_content_type   'Structure model' 
_pdbx_audit_revision_details.provider            repository 
_pdbx_audit_revision_details.type                'Initial release' 
_pdbx_audit_revision_details.description         ? 
_pdbx_audit_revision_details.details             ? 
# 
loop_
_pdbx_audit_revision_group.ordinal 
_pdbx_audit_revision_group.revision_ordinal 
_pdbx_audit_revision_group.data_content_type 
_pdbx_audit_revision_group.group 
1 2 'Structure model' 'Version format compliance' 
2 3 'Structure model' 'Version format compliance' 
3 4 'Structure model' 'Database references'       
4 4 'Structure model' 'Derived calculations'      
5 5 'Structure model' 'Data collection'           
# 
loop_
_pdbx_audit_revision_category.ordinal 
_pdbx_audit_revision_category.revision_ordinal 
_pdbx_audit_revision_category.data_content_type 
_pdbx_audit_revision_category.category 
1 4 'Structure model' database_2            
2 4 'Structure model' pdbx_struct_assembly  
3 4 'Structure model' pdbx_struct_oper_list 
4 5 'Structure model' chem_comp_atom        
5 5 'Structure model' chem_comp_bond        
# 
loop_
_pdbx_audit_revision_item.ordinal 
_pdbx_audit_revision_item.revision_ordinal 
_pdbx_audit_revision_item.data_content_type 
_pdbx_audit_revision_item.item 
1 4 'Structure model' '_database_2.pdbx_DOI'                
2 4 'Structure model' '_database_2.pdbx_database_accession' 
# 
_pdbx_database_status.status_code                     REL 
_pdbx_database_status.entry_id                        2NQ1 
_pdbx_database_status.recvd_initial_deposition_date   2006-10-30 
_pdbx_database_status.deposit_site                    RCSB 
_pdbx_database_status.process_site                    RCSB 
_pdbx_database_status.status_code_sf                  ? 
_pdbx_database_status.status_code_mr                  REL 
_pdbx_database_status.SG_entry                        ? 
_pdbx_database_status.pdb_format_compatible           Y 
_pdbx_database_status.status_code_cs                  ? 
_pdbx_database_status.status_code_nmr_data            ? 
_pdbx_database_status.methods_development_category    ? 
# 
loop_
_pdbx_database_related.db_name 
_pdbx_database_related.db_id 
_pdbx_database_related.details 
_pdbx_database_related.content_type 
PDB 2NPW . unspecified 
PDB 2NQ0 . unspecified 
PDB 2NQ4 . unspecified 
# 
loop_
_audit_author.name 
_audit_author.pdbx_ordinal 
'Bhattacharyya, D.' 1 
'Wu, Y.'            2 
'Chaney, S.'        3 
'Campbell, S.'      4 
# 
_citation.id                        primary 
_citation.title                     
;Solution Structures of a DNA Dodecamer Duplex with and without a Cisplatin 1,2-d(GG) Intrastrand Cross-Link: Comparison with the Same DNA Duplex Containing an Oxaliplatin 1,2-d(GG) Intrastrand Cross-Link
;
_citation.journal_abbrev            Biochemistry 
_citation.journal_volume            46 
_citation.page_first                6477 
_citation.page_last                 6487 
_citation.year                      2007 
_citation.journal_id_ASTM           BICHAW 
_citation.country                   US 
_citation.journal_id_ISSN           0006-2960 
_citation.journal_id_CSD            0033 
_citation.book_publisher            ? 
_citation.pdbx_database_id_PubMed   17497831 
_citation.pdbx_database_id_DOI      10.1021/bi062291f 
# 
loop_
_citation_author.citation_id 
_citation_author.name 
_citation_author.ordinal 
_citation_author.identifier_ORCID 
primary 'Wu, Y.'                  1  ? 
primary 'Bhattacharyya, D.'       2  ? 
primary 'King, C.L.'              3  ? 
primary 'Baskerville-Abraham, I.' 4  ? 
primary 'Huh, S.-H.'              5  ? 
primary 'Boysen, G.'              6  ? 
primary 'Swenberg, J.A.'          7  ? 
primary 'Temple, B.'              8  ? 
primary 'Campbell, S.L.'          9  ? 
primary 'Chaney, S.G.'            10 ? 
# 
loop_
_entity.id 
_entity.type 
_entity.src_method 
_entity.pdbx_description 
_entity.formula_weight 
_entity.pdbx_number_of_molecules 
_entity.pdbx_ec 
_entity.pdbx_mutation 
_entity.pdbx_fragment 
_entity.details 
1 polymer syn "5'-D(*CP*CP*TP*CP*AP*GP*GP*CP*CP*TP*CP*C)-3'" 3559.319 1 ? ? ? ? 
2 polymer syn "5'-D(*GP*GP*AP*GP*GP*CP*CP*TP*GP*AP*GP*G)-3'" 3768.453 1 ? ? ? ? 
# 
loop_
_entity_poly.entity_id 
_entity_poly.type 
_entity_poly.nstd_linkage 
_entity_poly.nstd_monomer 
_entity_poly.pdbx_seq_one_letter_code 
_entity_poly.pdbx_seq_one_letter_code_can 
_entity_poly.pdbx_strand_id 
_entity_poly.pdbx_target_identifier 
1 polydeoxyribonucleotide no no '(DC)(DC)(DT)(DC)(DA)(DG)(DG)(DC)(DC)(DT)(DC)(DC)' CCTCAGGCCTCC A ? 
2 polydeoxyribonucleotide no no '(DG)(DG)(DA)(DG)(DG)(DC)(DC)(DT)(DG)(DA)(DG)(DG)' GGAGGCCTGAGG B ? 
# 
loop_
_entity_poly_seq.entity_id 
_entity_poly_seq.num 
_entity_poly_seq.mon_id 
_entity_poly_seq.hetero 
1 1  DC n 
1 2  DC n 
1 3  DT n 
1 4  DC n 
1 5  DA n 
1 6  DG n 
1 7  DG n 
1 8  DC n 
1 9  DC n 
1 10 DT n 
1 11 DC n 
1 12 DC n 
2 1  DG n 
2 2  DG n 
2 3  DA n 
2 4  DG n 
2 5  DG n 
2 6  DC n 
2 7  DC n 
2 8  DT n 
2 9  DG n 
2 10 DA n 
2 11 DG n 
2 12 DG n 
# 
loop_
_chem_comp.id 
_chem_comp.type 
_chem_comp.mon_nstd_flag 
_chem_comp.name 
_chem_comp.pdbx_synonyms 
_chem_comp.formula 
_chem_comp.formula_weight 
DA 'DNA linking' y "2'-DEOXYADENOSINE-5'-MONOPHOSPHATE" ? 'C10 H14 N5 O6 P' 331.222 
DC 'DNA linking' y "2'-DEOXYCYTIDINE-5'-MONOPHOSPHATE"  ? 'C9 H14 N3 O7 P'  307.197 
DG 'DNA linking' y "2'-DEOXYGUANOSINE-5'-MONOPHOSPHATE" ? 'C10 H14 N5 O7 P' 347.221 
DT 'DNA linking' y "THYMIDINE-5'-MONOPHOSPHATE"         ? 'C10 H15 N2 O8 P' 322.208 
# 
loop_
_pdbx_poly_seq_scheme.asym_id 
_pdbx_poly_seq_scheme.entity_id 
_pdbx_poly_seq_scheme.seq_id 
_pdbx_poly_seq_scheme.mon_id 
_pdbx_poly_seq_scheme.ndb_seq_num 
_pdbx_poly_seq_scheme.pdb_seq_num 
_pdbx_poly_seq_scheme.auth_seq_num 
_pdbx_poly_seq_scheme.pdb_mon_id 
_pdbx_poly_seq_scheme.auth_mon_id 
_pdbx_poly_seq_scheme.pdb_strand_id 
_pdbx_poly_seq_scheme.pdb_ins_code 
_pdbx_poly_seq_scheme.hetero 
A 1 1  DC 1  1  1  DC C A . n 
A 1 2  DC 2  2  2  DC C A . n 
A 1 3  DT 3  3  3  DT T A . n 
A 1 4  DC 4  4  4  DC C A . n 
A 1 5  DA 5  5  5  DA A A . n 
A 1 6  DG 6  6  6  DG G A . n 
A 1 7  DG 7  7  7  DG G A . n 
A 1 8  DC 8  8  8  DC C A . n 
A 1 9  DC 9  9  9  DC C A . n 
A 1 10 DT 10 10 10 DT T A . n 
A 1 11 DC 11 11 11 DC C A . n 
A 1 12 DC 12 12 12 DC C A . n 
B 2 1  DG 1  13 13 DG G B . n 
B 2 2  DG 2  14 14 DG G B . n 
B 2 3  DA 3  15 15 DA A B . n 
B 2 4  DG 4  16 16 DG G B . n 
B 2 5  DG 5  17 17 DG G B . n 
B 2 6  DC 6  18 18 DC C B . n 
B 2 7  DC 7  19 19 DC C B . n 
B 2 8  DT 8  20 20 DT T B . n 
B 2 9  DG 9  21 21 DG G B . n 
B 2 10 DA 10 22 22 DA A B . n 
B 2 11 DG 11 23 23 DG G B . n 
B 2 12 DG 12 24 24 DG G B . n 
# 
_cell.entry_id           2NQ1 
_cell.length_a           1.000 
_cell.length_b           1.000 
_cell.length_c           1.000 
_cell.angle_alpha        90.00 
_cell.angle_beta         90.00 
_cell.angle_gamma        90.00 
_cell.Z_PDB              1 
_cell.pdbx_unique_axis   ? 
# 
_symmetry.entry_id                         2NQ1 
_symmetry.space_group_name_H-M             'P 1' 
_symmetry.pdbx_full_space_group_name_H-M   ? 
_symmetry.cell_setting                     ? 
_symmetry.Int_Tables_number                1 
# 
_exptl.entry_id          2NQ1 
_exptl.method            'SOLUTION NMR' 
_exptl.crystals_number   ? 
# 
_exptl_crystal.id                    1 
_exptl_crystal.density_meas          ? 
_exptl_crystal.density_Matthews      ? 
_exptl_crystal.density_percent_sol   ? 
_exptl_crystal.description           ? 
# 
_diffrn.id                     1 
_diffrn.ambient_temp           ? 
_diffrn.ambient_temp_details   ? 
_diffrn.crystal_id             1 
# 
_diffrn_radiation.diffrn_id                        1 
_diffrn_radiation.wavelength_id                    1 
_diffrn_radiation.monochromator                    ? 
_diffrn_radiation.pdbx_monochromatic_or_laue_m_l   M 
_diffrn_radiation.pdbx_diffrn_protocol             'SINGLE WAVELENGTH' 
_diffrn_radiation.pdbx_scattering_type             ? 
# 
_diffrn_radiation_wavelength.id           1 
_diffrn_radiation_wavelength.wavelength   . 
_diffrn_radiation_wavelength.wt           1.0 
# 
_struct.entry_id                  2NQ1 
_struct.title                     'Solution Structures of a DNA Dodecamer Duplex' 
_struct.pdbx_model_details        ? 
_struct.pdbx_CASP_flag            ? 
_struct.pdbx_model_type_details   'minimized average' 
# 
_struct_keywords.entry_id        2NQ1 
_struct_keywords.pdbx_keywords   DNA 
_struct_keywords.text            'Deoxyribonucleic acid, duplex, dodecamer, DNA' 
# 
loop_
_struct_asym.id 
_struct_asym.pdbx_blank_PDB_chainid_flag 
_struct_asym.pdbx_modified 
_struct_asym.entity_id 
_struct_asym.details 
A N N 1 ? 
B N N 2 ? 
# 
loop_
_struct_ref.id 
_struct_ref.entity_id 
_struct_ref.db_name 
_struct_ref.db_code 
_struct_ref.pdbx_db_accession 
_struct_ref.pdbx_db_isoform 
_struct_ref.pdbx_seq_one_letter_code 
_struct_ref.pdbx_align_begin 
1 1 PDB 2NQ1 2NQ1 ? ? ? 
2 2 PDB 2NQ1 2NQ1 ? ? ? 
# 
loop_
_struct_ref_seq.align_id 
_struct_ref_seq.ref_id 
_struct_ref_seq.pdbx_PDB_id_code 
_struct_ref_seq.pdbx_strand_id 
_struct_ref_seq.seq_align_beg 
_struct_ref_seq.pdbx_seq_align_beg_ins_code 
_struct_ref_seq.seq_align_end 
_struct_ref_seq.pdbx_seq_align_end_ins_code 
_struct_ref_seq.pdbx_db_accession 
_struct_ref_seq.db_align_beg 
_struct_ref_seq.pdbx_db_align_beg_ins_code 
_struct_ref_seq.db_align_end 
_struct_ref_seq.pdbx_db_align_end_ins_code 
_struct_ref_seq.pdbx_auth_seq_align_beg 
_struct_ref_seq.pdbx_auth_seq_align_end 
1 1 2NQ1 A 1 ? 12 ? 2NQ1 1  ? 12 ? 1  12 
2 2 2NQ1 B 1 ? 12 ? 2NQ1 13 ? 24 ? 13 24 
# 
_pdbx_struct_assembly.id                   1 
_pdbx_struct_assembly.details              author_defined_assembly 
_pdbx_struct_assembly.method_details       ? 
_pdbx_struct_assembly.oligomeric_details   dimeric 
_pdbx_struct_assembly.oligomeric_count     2 
# 
_pdbx_struct_assembly_gen.assembly_id       1 
_pdbx_struct_assembly_gen.oper_expression   1 
_pdbx_struct_assembly_gen.asym_id_list      A,B 
# 
_pdbx_struct_oper_list.id                   1 
_pdbx_struct_oper_list.type                 'identity operation' 
_pdbx_struct_oper_list.name                 1_555 
_pdbx_struct_oper_list.symmetry_operation   x,y,z 
_pdbx_struct_oper_list.matrix[1][1]         1.0000000000 
_pdbx_struct_oper_list.matrix[1][2]         0.0000000000 
_pdbx_struct_oper_list.matrix[1][3]         0.0000000000 
_pdbx_struct_oper_list.vector[1]            0.0000000000 
_pdbx_struct_oper_list.matrix[2][1]         0.0000000000 
_pdbx_struct_oper_list.matrix[2][2]         1.0000000000 
_pdbx_struct_oper_list.matrix[2][3]         0.0000000000 
_pdbx_struct_oper_list.vector[2]            0.0000000000 
_pdbx_struct_oper_list.matrix[3][1]         0.0000000000 
_pdbx_struct_oper_list.matrix[3][2]         0.0000000000 
_pdbx_struct_oper_list.matrix[3][3]         1.0000000000 
_pdbx_struct_oper_list.vector[3]            0.0000000000 
# 
_struct_biol.id   1 
# 
loop_
_struct_conn.id 
_struct_conn.conn_type_id 
_struct_conn.pdbx_leaving_atom_flag 
_struct_conn.pdbx_PDB_id 
_struct_conn.ptnr1_label_asym_id 
_struct_conn.ptnr1_label_comp_id 
_struct_conn.ptnr1_label_seq_id 
_struct_conn.ptnr1_label_atom_id 
_struct_conn.pdbx_ptnr1_label_alt_id 
_struct_conn.pdbx_ptnr1_PDB_ins_code 
_struct_conn.pdbx_ptnr1_standard_comp_id 
_struct_conn.ptnr1_symmetry 
_struct_conn.ptnr2_label_asym_id 
_struct_conn.ptnr2_label_comp_id 
_struct_conn.ptnr2_label_seq_id 
_struct_conn.ptnr2_label_atom_id 
_struct_conn.pdbx_ptnr2_label_alt_id 
_struct_conn.pdbx_ptnr2_PDB_ins_code 
_struct_conn.ptnr1_auth_asym_id 
_struct_conn.ptnr1_auth_comp_id 
_struct_conn.ptnr1_auth_seq_id 
_struct_conn.ptnr2_auth_asym_id 
_struct_conn.ptnr2_auth_comp_id 
_struct_conn.ptnr2_auth_seq_id 
_struct_conn.ptnr2_symmetry 
_struct_conn.pdbx_ptnr3_label_atom_id 
_struct_conn.pdbx_ptnr3_label_seq_id 
_struct_conn.pdbx_ptnr3_label_comp_id 
_struct_conn.pdbx_ptnr3_label_asym_id 
_struct_conn.pdbx_ptnr3_label_alt_id 
_struct_conn.pdbx_ptnr3_PDB_ins_code 
_struct_conn.details 
_struct_conn.pdbx_dist_value 
_struct_conn.pdbx_value_order 
_struct_conn.pdbx_role 
hydrog1  hydrog ? ? A DC 1  N3 ? ? ? 1_555 B DG 12 N1 ? ? A DC 1  B DG 24 1_555 ? ? ? ? ? ? WATSON-CRICK ? ? ? 
hydrog2  hydrog ? ? A DC 1  N4 ? ? ? 1_555 B DG 12 O6 ? ? A DC 1  B DG 24 1_555 ? ? ? ? ? ? WATSON-CRICK ? ? ? 
hydrog3  hydrog ? ? A DC 1  O2 ? ? ? 1_555 B DG 12 N2 ? ? A DC 1  B DG 24 1_555 ? ? ? ? ? ? WATSON-CRICK ? ? ? 
hydrog4  hydrog ? ? A DC 2  N3 ? ? ? 1_555 B DG 11 N1 ? ? A DC 2  B DG 23 1_555 ? ? ? ? ? ? WATSON-CRICK ? ? ? 
hydrog5  hydrog ? ? A DC 2  N4 ? ? ? 1_555 B DG 11 O6 ? ? A DC 2  B DG 23 1_555 ? ? ? ? ? ? WATSON-CRICK ? ? ? 
hydrog6  hydrog ? ? A DC 2  O2 ? ? ? 1_555 B DG 11 N2 ? ? A DC 2  B DG 23 1_555 ? ? ? ? ? ? WATSON-CRICK ? ? ? 
hydrog7  hydrog ? ? A DT 3  N3 ? ? ? 1_555 B DA 10 N1 ? ? A DT 3  B DA 22 1_555 ? ? ? ? ? ? WATSON-CRICK ? ? ? 
hydrog8  hydrog ? ? A DT 3  O4 ? ? ? 1_555 B DA 10 N6 ? ? A DT 3  B DA 22 1_555 ? ? ? ? ? ? WATSON-CRICK ? ? ? 
hydrog9  hydrog ? ? A DC 4  N3 ? ? ? 1_555 B DG 9  N1 ? ? A DC 4  B DG 21 1_555 ? ? ? ? ? ? WATSON-CRICK ? ? ? 
hydrog10 hydrog ? ? A DC 4  N4 ? ? ? 1_555 B DG 9  O6 ? ? A DC 4  B DG 21 1_555 ? ? ? ? ? ? WATSON-CRICK ? ? ? 
hydrog11 hydrog ? ? A DC 4  O2 ? ? ? 1_555 B DG 9  N2 ? ? A DC 4  B DG 21 1_555 ? ? ? ? ? ? WATSON-CRICK ? ? ? 
hydrog12 hydrog ? ? A DA 5  N1 ? ? ? 1_555 B DT 8  N3 ? ? A DA 5  B DT 20 1_555 ? ? ? ? ? ? WATSON-CRICK ? ? ? 
hydrog13 hydrog ? ? A DA 5  N6 ? ? ? 1_555 B DT 8  O4 ? ? A DA 5  B DT 20 1_555 ? ? ? ? ? ? WATSON-CRICK ? ? ? 
hydrog14 hydrog ? ? A DG 6  N1 ? ? ? 1_555 B DC 7  N3 ? ? A DG 6  B DC 19 1_555 ? ? ? ? ? ? WATSON-CRICK ? ? ? 
hydrog15 hydrog ? ? A DG 6  N2 ? ? ? 1_555 B DC 7  O2 ? ? A DG 6  B DC 19 1_555 ? ? ? ? ? ? WATSON-CRICK ? ? ? 
hydrog16 hydrog ? ? A DG 6  O6 ? ? ? 1_555 B DC 7  N4 ? ? A DG 6  B DC 19 1_555 ? ? ? ? ? ? WATSON-CRICK ? ? ? 
hydrog17 hydrog ? ? A DG 7  N1 ? ? ? 1_555 B DC 6  N3 ? ? A DG 7  B DC 18 1_555 ? ? ? ? ? ? WATSON-CRICK ? ? ? 
hydrog18 hydrog ? ? A DG 7  N2 ? ? ? 1_555 B DC 6  O2 ? ? A DG 7  B DC 18 1_555 ? ? ? ? ? ? WATSON-CRICK ? ? ? 
hydrog19 hydrog ? ? A DG 7  O6 ? ? ? 1_555 B DC 6  N4 ? ? A DG 7  B DC 18 1_555 ? ? ? ? ? ? WATSON-CRICK ? ? ? 
hydrog20 hydrog ? ? A DC 8  N3 ? ? ? 1_555 B DG 5  N1 ? ? A DC 8  B DG 17 1_555 ? ? ? ? ? ? WATSON-CRICK ? ? ? 
hydrog21 hydrog ? ? A DC 8  N4 ? ? ? 1_555 B DG 5  O6 ? ? A DC 8  B DG 17 1_555 ? ? ? ? ? ? WATSON-CRICK ? ? ? 
hydrog22 hydrog ? ? A DC 8  O2 ? ? ? 1_555 B DG 5  N2 ? ? A DC 8  B DG 17 1_555 ? ? ? ? ? ? WATSON-CRICK ? ? ? 
hydrog23 hydrog ? ? A DC 9  N3 ? ? ? 1_555 B DG 4  N1 ? ? A DC 9  B DG 16 1_555 ? ? ? ? ? ? WATSON-CRICK ? ? ? 
hydrog24 hydrog ? ? A DC 9  N4 ? ? ? 1_555 B DG 4  O6 ? ? A DC 9  B DG 16 1_555 ? ? ? ? ? ? WATSON-CRICK ? ? ? 
hydrog25 hydrog ? ? A DC 9  O2 ? ? ? 1_555 B DG 4  N2 ? ? A DC 9  B DG 16 1_555 ? ? ? ? ? ? WATSON-CRICK ? ? ? 
hydrog26 hydrog ? ? A DT 10 N3 ? ? ? 1_555 B DA 3  N1 ? ? A DT 10 B DA 15 1_555 ? ? ? ? ? ? WATSON-CRICK ? ? ? 
hydrog27 hydrog ? ? A DT 10 O4 ? ? ? 1_555 B DA 3  N6 ? ? A DT 10 B DA 15 1_555 ? ? ? ? ? ? WATSON-CRICK ? ? ? 
hydrog28 hydrog ? ? A DC 11 N3 ? ? ? 1_555 B DG 2  N1 ? ? A DC 11 B DG 14 1_555 ? ? ? ? ? ? WATSON-CRICK ? ? ? 
hydrog29 hydrog ? ? A DC 11 N4 ? ? ? 1_555 B DG 2  O6 ? ? A DC 11 B DG 14 1_555 ? ? ? ? ? ? WATSON-CRICK ? ? ? 
hydrog30 hydrog ? ? A DC 11 O2 ? ? ? 1_555 B DG 2  N2 ? ? A DC 11 B DG 14 1_555 ? ? ? ? ? ? WATSON-CRICK ? ? ? 
hydrog31 hydrog ? ? A DC 12 N3 ? ? ? 1_555 B DG 1  N1 ? ? A DC 12 B DG 13 1_555 ? ? ? ? ? ? WATSON-CRICK ? ? ? 
hydrog32 hydrog ? ? A DC 12 N4 ? ? ? 1_555 B DG 1  O6 ? ? A DC 12 B DG 13 1_555 ? ? ? ? ? ? WATSON-CRICK ? ? ? 
hydrog33 hydrog ? ? A DC 12 O2 ? ? ? 1_555 B DG 1  N2 ? ? A DC 12 B DG 13 1_555 ? ? ? ? ? ? WATSON-CRICK ? ? ? 
# 
_struct_conn_type.id          hydrog 
_struct_conn_type.criteria    ? 
_struct_conn_type.reference   ? 
# 
loop_
_pdbx_validate_close_contact.id 
_pdbx_validate_close_contact.PDB_model_num 
_pdbx_validate_close_contact.auth_atom_id_1 
_pdbx_validate_close_contact.auth_asym_id_1 
_pdbx_validate_close_contact.auth_comp_id_1 
_pdbx_validate_close_contact.auth_seq_id_1 
_pdbx_validate_close_contact.PDB_ins_code_1 
_pdbx_validate_close_contact.label_alt_id_1 
_pdbx_validate_close_contact.auth_atom_id_2 
_pdbx_validate_close_contact.auth_asym_id_2 
_pdbx_validate_close_contact.auth_comp_id_2 
_pdbx_validate_close_contact.auth_seq_id_2 
_pdbx_validate_close_contact.PDB_ins_code_2 
_pdbx_validate_close_contact.label_alt_id_2 
_pdbx_validate_close_contact.dist 
1 1 O2  A DC 2 ? ? H21 B DG 23 ? ? 1.50 
2 1 H21 A DG 7 ? ? O2  B DC 18 ? ? 1.56 
# 
_pdbx_nmr_ensemble.entry_id                                      2NQ1 
_pdbx_nmr_ensemble.conformers_calculated_total_number            20 
_pdbx_nmr_ensemble.conformers_submitted_total_number             1 
_pdbx_nmr_ensemble.conformer_selection_criteria                  'structures with the lowest energy' 
_pdbx_nmr_ensemble.average_constraints_per_residue               ? 
_pdbx_nmr_ensemble.average_constraint_violations_per_residue     ? 
_pdbx_nmr_ensemble.maximum_distance_constraint_violation         ? 
_pdbx_nmr_ensemble.average_distance_constraint_violation         ? 
_pdbx_nmr_ensemble.maximum_upper_distance_constraint_violation   ? 
_pdbx_nmr_ensemble.maximum_lower_distance_constraint_violation   ? 
_pdbx_nmr_ensemble.distance_constraint_violation_method          ? 
_pdbx_nmr_ensemble.maximum_torsion_angle_constraint_violation    ? 
_pdbx_nmr_ensemble.average_torsion_angle_constraint_violation    ? 
_pdbx_nmr_ensemble.torsion_angle_constraint_violation_method     ? 
# 
_pdbx_nmr_representative.entry_id             2NQ1 
_pdbx_nmr_representative.conformer_id         1 
_pdbx_nmr_representative.selection_criteria   'minimized average structure' 
# 
loop_
_pdbx_nmr_sample_details.solution_id 
_pdbx_nmr_sample_details.contents 
_pdbx_nmr_sample_details.solvent_system 
1 '100 mM NaCl, 5 mM phosphate buffer, pH 7.0, 95% H2O, 5% D2O' '95% H2O/5% D2O' 
2 '100 mM NaCl, 5 mM phosphate buffer, pH 7.0, 100% D2O'        '100% D2O'       
# 
_pdbx_nmr_exptl_sample_conditions.conditions_id       1 
_pdbx_nmr_exptl_sample_conditions.temperature         ? 
_pdbx_nmr_exptl_sample_conditions.pressure            1 
_pdbx_nmr_exptl_sample_conditions.pH                  7.0 
_pdbx_nmr_exptl_sample_conditions.ionic_strength      '100mM NaCl, 5mM NaPi' 
_pdbx_nmr_exptl_sample_conditions.pressure_units      atm 
_pdbx_nmr_exptl_sample_conditions.temperature_units   K 
# 
loop_
_pdbx_nmr_exptl.experiment_id 
_pdbx_nmr_exptl.conditions_id 
_pdbx_nmr_exptl.type 
_pdbx_nmr_exptl.solution_id 
1 1 '2D NOESY'           2 
2 1 '2D TOCSY'           2 
3 1 DQF-COSY             2 
4 1 '2D NOESY'           1 
5 1 '2D 1H   31P HETCOR' 2 
# 
_pdbx_nmr_details.entry_id   2NQ1 
_pdbx_nmr_details.text       'This structure was determined using standard 2D homonuclear techniques.' 
# 
_pdbx_nmr_refine.entry_id           2NQ1 
_pdbx_nmr_refine.method             'simulated annealing' 
_pdbx_nmr_refine.details            ? 
_pdbx_nmr_refine.software_ordinal   1 
# 
loop_
_pdbx_nmr_software.classification 
_pdbx_nmr_software.name 
_pdbx_nmr_software.version 
_pdbx_nmr_software.authors 
_pdbx_nmr_software.ordinal 
'structure solution' CNS 1.1 Campbell 1 
refinement           CNS 1.1 Campbell 2 
# 
loop_
_chem_comp_atom.comp_id 
_chem_comp_atom.atom_id 
_chem_comp_atom.type_symbol 
_chem_comp_atom.pdbx_aromatic_flag 
_chem_comp_atom.pdbx_stereo_config 
_chem_comp_atom.pdbx_ordinal 
DA OP3    O N N 1   
DA P      P N N 2   
DA OP1    O N N 3   
DA OP2    O N N 4   
DA "O5'"  O N N 5   
DA "C5'"  C N N 6   
DA "C4'"  C N R 7   
DA "O4'"  O N N 8   
DA "C3'"  C N S 9   
DA "O3'"  O N N 10  
DA "C2'"  C N N 11  
DA "C1'"  C N R 12  
DA N9     N Y N 13  
DA C8     C Y N 14  
DA N7     N Y N 15  
DA C5     C Y N 16  
DA C6     C Y N 17  
DA N6     N N N 18  
DA N1     N Y N 19  
DA C2     C Y N 20  
DA N3     N Y N 21  
DA C4     C Y N 22  
DA HOP3   H N N 23  
DA HOP2   H N N 24  
DA "H5'"  H N N 25  
DA "H5''" H N N 26  
DA "H4'"  H N N 27  
DA "H3'"  H N N 28  
DA "HO3'" H N N 29  
DA "H2'"  H N N 30  
DA "H2''" H N N 31  
DA "H1'"  H N N 32  
DA H8     H N N 33  
DA H61    H N N 34  
DA H62    H N N 35  
DA H2     H N N 36  
DC OP3    O N N 37  
DC P      P N N 38  
DC OP1    O N N 39  
DC OP2    O N N 40  
DC "O5'"  O N N 41  
DC "C5'"  C N N 42  
DC "C4'"  C N R 43  
DC "O4'"  O N N 44  
DC "C3'"  C N S 45  
DC "O3'"  O N N 46  
DC "C2'"  C N N 47  
DC "C1'"  C N R 48  
DC N1     N N N 49  
DC C2     C N N 50  
DC O2     O N N 51  
DC N3     N N N 52  
DC C4     C N N 53  
DC N4     N N N 54  
DC C5     C N N 55  
DC C6     C N N 56  
DC HOP3   H N N 57  
DC HOP2   H N N 58  
DC "H5'"  H N N 59  
DC "H5''" H N N 60  
DC "H4'"  H N N 61  
DC "H3'"  H N N 62  
DC "HO3'" H N N 63  
DC "H2'"  H N N 64  
DC "H2''" H N N 65  
DC "H1'"  H N N 66  
DC H41    H N N 67  
DC H42    H N N 68  
DC H5     H N N 69  
DC H6     H N N 70  
DG OP3    O N N 71  
DG P      P N N 72  
DG OP1    O N N 73  
DG OP2    O N N 74  
DG "O5'"  O N N 75  
DG "C5'"  C N N 76  
DG "C4'"  C N R 77  
DG "O4'"  O N N 78  
DG "C3'"  C N S 79  
DG "O3'"  O N N 80  
DG "C2'"  C N N 81  
DG "C1'"  C N R 82  
DG N9     N Y N 83  
DG C8     C Y N 84  
DG N7     N Y N 85  
DG C5     C Y N 86  
DG C6     C N N 87  
DG O6     O N N 88  
DG N1     N N N 89  
DG C2     C N N 90  
DG N2     N N N 91  
DG N3     N N N 92  
DG C4     C Y N 93  
DG HOP3   H N N 94  
DG HOP2   H N N 95  
DG "H5'"  H N N 96  
DG "H5''" H N N 97  
DG "H4'"  H N N 98  
DG "H3'"  H N N 99  
DG "HO3'" H N N 100 
DG "H2'"  H N N 101 
DG "H2''" H N N 102 
DG "H1'"  H N N 103 
DG H8     H N N 104 
DG H1     H N N 105 
DG H21    H N N 106 
DG H22    H N N 107 
DT OP3    O N N 108 
DT P      P N N 109 
DT OP1    O N N 110 
DT OP2    O N N 111 
DT "O5'"  O N N 112 
DT "C5'"  C N N 113 
DT "C4'"  C N R 114 
DT "O4'"  O N N 115 
DT "C3'"  C N S 116 
DT "O3'"  O N N 117 
DT "C2'"  C N N 118 
DT "C1'"  C N R 119 
DT N1     N N N 120 
DT C2     C N N 121 
DT O2     O N N 122 
DT N3     N N N 123 
DT C4     C N N 124 
DT O4     O N N 125 
DT C5     C N N 126 
DT C7     C N N 127 
DT C6     C N N 128 
DT HOP3   H N N 129 
DT HOP2   H N N 130 
DT "H5'"  H N N 131 
DT "H5''" H N N 132 
DT "H4'"  H N N 133 
DT "H3'"  H N N 134 
DT "HO3'" H N N 135 
DT "H2'"  H N N 136 
DT "H2''" H N N 137 
DT "H1'"  H N N 138 
DT H3     H N N 139 
DT H71    H N N 140 
DT H72    H N N 141 
DT H73    H N N 142 
DT H6     H N N 143 
# 
loop_
_chem_comp_bond.comp_id 
_chem_comp_bond.atom_id_1 
_chem_comp_bond.atom_id_2 
_chem_comp_bond.value_order 
_chem_comp_bond.pdbx_aromatic_flag 
_chem_comp_bond.pdbx_stereo_config 
_chem_comp_bond.pdbx_ordinal 
DA OP3   P      sing N N 1   
DA OP3   HOP3   sing N N 2   
DA P     OP1    doub N N 3   
DA P     OP2    sing N N 4   
DA P     "O5'"  sing N N 5   
DA OP2   HOP2   sing N N 6   
DA "O5'" "C5'"  sing N N 7   
DA "C5'" "C4'"  sing N N 8   
DA "C5'" "H5'"  sing N N 9   
DA "C5'" "H5''" sing N N 10  
DA "C4'" "O4'"  sing N N 11  
DA "C4'" "C3'"  sing N N 12  
DA "C4'" "H4'"  sing N N 13  
DA "O4'" "C1'"  sing N N 14  
DA "C3'" "O3'"  sing N N 15  
DA "C3'" "C2'"  sing N N 16  
DA "C3'" "H3'"  sing N N 17  
DA "O3'" "HO3'" sing N N 18  
DA "C2'" "C1'"  sing N N 19  
DA "C2'" "H2'"  sing N N 20  
DA "C2'" "H2''" sing N N 21  
DA "C1'" N9     sing N N 22  
DA "C1'" "H1'"  sing N N 23  
DA N9    C8     sing Y N 24  
DA N9    C4     sing Y N 25  
DA C8    N7     doub Y N 26  
DA C8    H8     sing N N 27  
DA N7    C5     sing Y N 28  
DA C5    C6     sing Y N 29  
DA C5    C4     doub Y N 30  
DA C6    N6     sing N N 31  
DA C6    N1     doub Y N 32  
DA N6    H61    sing N N 33  
DA N6    H62    sing N N 34  
DA N1    C2     sing Y N 35  
DA C2    N3     doub Y N 36  
DA C2    H2     sing N N 37  
DA N3    C4     sing Y N 38  
DC OP3   P      sing N N 39  
DC OP3   HOP3   sing N N 40  
DC P     OP1    doub N N 41  
DC P     OP2    sing N N 42  
DC P     "O5'"  sing N N 43  
DC OP2   HOP2   sing N N 44  
DC "O5'" "C5'"  sing N N 45  
DC "C5'" "C4'"  sing N N 46  
DC "C5'" "H5'"  sing N N 47  
DC "C5'" "H5''" sing N N 48  
DC "C4'" "O4'"  sing N N 49  
DC "C4'" "C3'"  sing N N 50  
DC "C4'" "H4'"  sing N N 51  
DC "O4'" "C1'"  sing N N 52  
DC "C3'" "O3'"  sing N N 53  
DC "C3'" "C2'"  sing N N 54  
DC "C3'" "H3'"  sing N N 55  
DC "O3'" "HO3'" sing N N 56  
DC "C2'" "C1'"  sing N N 57  
DC "C2'" "H2'"  sing N N 58  
DC "C2'" "H2''" sing N N 59  
DC "C1'" N1     sing N N 60  
DC "C1'" "H1'"  sing N N 61  
DC N1    C2     sing N N 62  
DC N1    C6     sing N N 63  
DC C2    O2     doub N N 64  
DC C2    N3     sing N N 65  
DC N3    C4     doub N N 66  
DC C4    N4     sing N N 67  
DC C4    C5     sing N N 68  
DC N4    H41    sing N N 69  
DC N4    H42    sing N N 70  
DC C5    C6     doub N N 71  
DC C5    H5     sing N N 72  
DC C6    H6     sing N N 73  
DG OP3   P      sing N N 74  
DG OP3   HOP3   sing N N 75  
DG P     OP1    doub N N 76  
DG P     OP2    sing N N 77  
DG P     "O5'"  sing N N 78  
DG OP2   HOP2   sing N N 79  
DG "O5'" "C5'"  sing N N 80  
DG "C5'" "C4'"  sing N N 81  
DG "C5'" "H5'"  sing N N 82  
DG "C5'" "H5''" sing N N 83  
DG "C4'" "O4'"  sing N N 84  
DG "C4'" "C3'"  sing N N 85  
DG "C4'" "H4'"  sing N N 86  
DG "O4'" "C1'"  sing N N 87  
DG "C3'" "O3'"  sing N N 88  
DG "C3'" "C2'"  sing N N 89  
DG "C3'" "H3'"  sing N N 90  
DG "O3'" "HO3'" sing N N 91  
DG "C2'" "C1'"  sing N N 92  
DG "C2'" "H2'"  sing N N 93  
DG "C2'" "H2''" sing N N 94  
DG "C1'" N9     sing N N 95  
DG "C1'" "H1'"  sing N N 96  
DG N9    C8     sing Y N 97  
DG N9    C4     sing Y N 98  
DG C8    N7     doub Y N 99  
DG C8    H8     sing N N 100 
DG N7    C5     sing Y N 101 
DG C5    C6     sing N N 102 
DG C5    C4     doub Y N 103 
DG C6    O6     doub N N 104 
DG C6    N1     sing N N 105 
DG N1    C2     sing N N 106 
DG N1    H1     sing N N 107 
DG C2    N2     sing N N 108 
DG C2    N3     doub N N 109 
DG N2    H21    sing N N 110 
DG N2    H22    sing N N 111 
DG N3    C4     sing N N 112 
DT OP3   P      sing N N 113 
DT OP3   HOP3   sing N N 114 
DT P     OP1    doub N N 115 
DT P     OP2    sing N N 116 
DT P     "O5'"  sing N N 117 
DT OP2   HOP2   sing N N 118 
DT "O5'" "C5'"  sing N N 119 
DT "C5'" "C4'"  sing N N 120 
DT "C5'" "H5'"  sing N N 121 
DT "C5'" "H5''" sing N N 122 
DT "C4'" "O4'"  sing N N 123 
DT "C4'" "C3'"  sing N N 124 
DT "C4'" "H4'"  sing N N 125 
DT "O4'" "C1'"  sing N N 126 
DT "C3'" "O3'"  sing N N 127 
DT "C3'" "C2'"  sing N N 128 
DT "C3'" "H3'"  sing N N 129 
DT "O3'" "HO3'" sing N N 130 
DT "C2'" "C1'"  sing N N 131 
DT "C2'" "H2'"  sing N N 132 
DT "C2'" "H2''" sing N N 133 
DT "C1'" N1     sing N N 134 
DT "C1'" "H1'"  sing N N 135 
DT N1    C2     sing N N 136 
DT N1    C6     sing N N 137 
DT C2    O2     doub N N 138 
DT C2    N3     sing N N 139 
DT N3    C4     sing N N 140 
DT N3    H3     sing N N 141 
DT C4    O4     doub N N 142 
DT C4    C5     sing N N 143 
DT C5    C7     sing N N 144 
DT C5    C6     doub N N 145 
DT C7    H71    sing N N 146 
DT C7    H72    sing N N 147 
DT C7    H73    sing N N 148 
DT C6    H6     sing N N 149 
# 
_ndb_struct_conf_na.entry_id   2NQ1 
_ndb_struct_conf_na.feature    'b-form double helix' 
# 
loop_
_ndb_struct_na_base_pair.model_number 
_ndb_struct_na_base_pair.i_label_asym_id 
_ndb_struct_na_base_pair.i_label_comp_id 
_ndb_struct_na_base_pair.i_label_seq_id 
_ndb_struct_na_base_pair.i_symmetry 
_ndb_struct_na_base_pair.j_label_asym_id 
_ndb_struct_na_base_pair.j_label_comp_id 
_ndb_struct_na_base_pair.j_label_seq_id 
_ndb_struct_na_base_pair.j_symmetry 
_ndb_struct_na_base_pair.shear 
_ndb_struct_na_base_pair.stretch 
_ndb_struct_na_base_pair.stagger 
_ndb_struct_na_base_pair.buckle 
_ndb_struct_na_base_pair.propeller 
_ndb_struct_na_base_pair.opening 
_ndb_struct_na_base_pair.pair_number 
_ndb_struct_na_base_pair.pair_name 
_ndb_struct_na_base_pair.i_auth_asym_id 
_ndb_struct_na_base_pair.i_auth_seq_id 
_ndb_struct_na_base_pair.i_PDB_ins_code 
_ndb_struct_na_base_pair.j_auth_asym_id 
_ndb_struct_na_base_pair.j_auth_seq_id 
_ndb_struct_na_base_pair.j_PDB_ins_code 
_ndb_struct_na_base_pair.hbond_type_28 
_ndb_struct_na_base_pair.hbond_type_12 
1 A DC 1  1_555 B DG 12 1_555 0.467  -0.328 0.027  -0.804 -0.394 -0.636 1  A_DC1:DG24_B  A 1  ? B 24 ? 19 1 
1 A DC 2  1_555 B DG 11 1_555 0.036  -0.271 0.097  -3.310 -1.486 2.607  2  A_DC2:DG23_B  A 2  ? B 23 ? 19 1 
1 A DT 3  1_555 B DA 10 1_555 0.293  -0.324 -0.061 -0.363 -1.188 -4.893 3  A_DT3:DA22_B  A 3  ? B 22 ? 20 1 
1 A DC 4  1_555 B DG 9  1_555 0.233  -0.328 -0.073 2.438  -2.787 -1.762 4  A_DC4:DG21_B  A 4  ? B 21 ? 19 1 
1 A DA 5  1_555 B DT 8  1_555 -0.343 -0.325 0.055  -0.861 -3.173 -1.673 5  A_DA5:DT20_B  A 5  ? B 20 ? 20 1 
1 A DG 6  1_555 B DC 7  1_555 0.071  -0.228 0.144  8.640  3.608  -2.688 6  A_DG6:DC19_B  A 6  ? B 19 ? 19 1 
1 A DG 7  1_555 B DC 6  1_555 0.165  -0.212 0.011  -0.586 -4.007 2.694  7  A_DG7:DC18_B  A 7  ? B 18 ? 19 1 
1 A DC 8  1_555 B DG 5  1_555 0.359  -0.306 -0.081 2.880  2.585  -2.740 8  A_DC8:DG17_B  A 8  ? B 17 ? 19 1 
1 A DC 9  1_555 B DG 4  1_555 -0.160 -0.217 0.129  -4.847 -7.116 -7.548 9  A_DC9:DG16_B  A 9  ? B 16 ? 19 1 
1 A DT 10 1_555 B DA 3  1_555 0.319  -0.353 -0.150 -0.222 3.809  -2.216 10 A_DT10:DA15_B A 10 ? B 15 ? 20 1 
1 A DC 11 1_555 B DG 2  1_555 -0.229 -0.228 0.021  4.803  4.175  -0.168 11 A_DC11:DG14_B A 11 ? B 14 ? 19 1 
1 A DC 12 1_555 B DG 1  1_555 0.113  -0.208 -0.005 -0.851 -0.232 1.047  12 A_DC12:DG13_B A 12 ? B 13 ? 19 1 
# 
loop_
_ndb_struct_na_base_pair_step.model_number 
_ndb_struct_na_base_pair_step.i_label_asym_id_1 
_ndb_struct_na_base_pair_step.i_label_comp_id_1 
_ndb_struct_na_base_pair_step.i_label_seq_id_1 
_ndb_struct_na_base_pair_step.i_symmetry_1 
_ndb_struct_na_base_pair_step.j_label_asym_id_1 
_ndb_struct_na_base_pair_step.j_label_comp_id_1 
_ndb_struct_na_base_pair_step.j_label_seq_id_1 
_ndb_struct_na_base_pair_step.j_symmetry_1 
_ndb_struct_na_base_pair_step.i_label_asym_id_2 
_ndb_struct_na_base_pair_step.i_label_comp_id_2 
_ndb_struct_na_base_pair_step.i_label_seq_id_2 
_ndb_struct_na_base_pair_step.i_symmetry_2 
_ndb_struct_na_base_pair_step.j_label_asym_id_2 
_ndb_struct_na_base_pair_step.j_label_comp_id_2 
_ndb_struct_na_base_pair_step.j_label_seq_id_2 
_ndb_struct_na_base_pair_step.j_symmetry_2 
_ndb_struct_na_base_pair_step.shift 
_ndb_struct_na_base_pair_step.slide 
_ndb_struct_na_base_pair_step.rise 
_ndb_struct_na_base_pair_step.tilt 
_ndb_struct_na_base_pair_step.roll 
_ndb_struct_na_base_pair_step.twist 
_ndb_struct_na_base_pair_step.x_displacement 
_ndb_struct_na_base_pair_step.y_displacement 
_ndb_struct_na_base_pair_step.helical_rise 
_ndb_struct_na_base_pair_step.inclination 
_ndb_struct_na_base_pair_step.tip 
_ndb_struct_na_base_pair_step.helical_twist 
_ndb_struct_na_base_pair_step.step_number 
_ndb_struct_na_base_pair_step.step_name 
_ndb_struct_na_base_pair_step.i_auth_asym_id_1 
_ndb_struct_na_base_pair_step.i_auth_seq_id_1 
_ndb_struct_na_base_pair_step.i_PDB_ins_code_1 
_ndb_struct_na_base_pair_step.j_auth_asym_id_1 
_ndb_struct_na_base_pair_step.j_auth_seq_id_1 
_ndb_struct_na_base_pair_step.j_PDB_ins_code_1 
_ndb_struct_na_base_pair_step.i_auth_asym_id_2 
_ndb_struct_na_base_pair_step.i_auth_seq_id_2 
_ndb_struct_na_base_pair_step.i_PDB_ins_code_2 
_ndb_struct_na_base_pair_step.j_auth_asym_id_2 
_ndb_struct_na_base_pair_step.j_auth_seq_id_2 
_ndb_struct_na_base_pair_step.j_PDB_ins_code_2 
1 A DC 1  1_555 B DG 12 1_555 A DC 2  1_555 B DG 11 1_555 -0.609 -0.713 3.210 0.591  10.352 31.151 -2.949 1.175  2.824 18.640 
-1.064  32.791 1  AA_DC1DC2:DG23DG24_BB   A 1  ? B 24 ? A 2  ? B 23 ? 
1 A DC 2  1_555 B DG 11 1_555 A DT 3  1_555 B DA 10 1_555 0.288  0.487  3.031 5.755  19.357 29.292 -2.005 0.361  2.823 33.698 
-10.020 35.453 2  AA_DC2DT3:DA22DG23_BB   A 2  ? B 23 ? A 3  ? B 22 ? 
1 A DT 3  1_555 B DA 10 1_555 A DC 4  1_555 B DG 9  1_555 0.525  0.626  3.281 3.831  15.543 34.028 -1.179 -0.286 3.290 24.920 
-6.143  37.504 3  AA_DT3DC4:DG21DA22_BB   A 3  ? B 22 ? A 4  ? B 21 ? 
1 A DC 4  1_555 B DG 9  1_555 A DA 5  1_555 B DT 8  1_555 -0.815 1.480  3.114 -3.806 5.204  29.345 1.779  0.786  3.397 10.118 
7.400   30.030 4  AA_DC4DA5:DT20DG21_BB   A 4  ? B 21 ? A 5  ? B 20 ? 
1 A DA 5  1_555 B DT 8  1_555 A DG 6  1_555 B DC 7  1_555 0.358  0.453  2.840 0.692  10.812 27.383 -1.188 -0.571 2.820 21.788 
-1.395  29.410 5  AA_DA5DG6:DC19DT20_BB   A 5  ? B 20 ? A 6  ? B 19 ? 
1 A DG 6  1_555 B DC 7  1_555 A DG 7  1_555 B DC 6  1_555 0.564  -1.484 3.239 -0.311 13.328 22.269 -6.517 -1.333 2.030 31.174 
0.727   25.911 6  AA_DG6DG7:DC18DC19_BB   A 6  ? B 19 ? A 7  ? B 18 ? 
1 A DG 7  1_555 B DC 6  1_555 A DC 8  1_555 B DG 5  1_555 -1.316 0.638  3.172 5.362  24.399 33.067 -1.776 2.458  2.764 37.014 
-8.135  41.231 7  AA_DG7DC8:DG17DC18_BB   A 7  ? B 18 ? A 8  ? B 17 ? 
1 A DC 8  1_555 B DG 5  1_555 A DC 9  1_555 B DG 4  1_555 0.832  1.667  3.207 1.448  8.113  29.581 1.467  -1.272 3.564 15.513 
-2.769  30.683 8  AA_DC8DC9:DG16DG17_BB   A 8  ? B 17 ? A 9  ? B 16 ? 
1 A DC 9  1_555 B DG 4  1_555 A DT 10 1_555 B DA 3  1_555 -0.148 0.549  2.916 2.569  6.355  28.438 -0.164 0.799  2.942 12.703 
-5.136  29.236 9  AA_DC9DT10:DA15DG16_BB  A 9  ? B 16 ? A 10 ? B 15 ? 
1 A DT 10 1_555 B DA 3  1_555 A DC 11 1_555 B DG 2  1_555 0.230  1.164  3.295 2.876  31.493 26.954 -2.407 0.044  3.062 50.339 
-4.597  41.328 10 AA_DT10DC11:DG14DA15_BB A 10 ? B 15 ? A 11 ? B 14 ? 
1 A DC 11 1_555 B DG 2  1_555 A DC 12 1_555 B DG 1  1_555 -0.028 1.379  3.413 4.973  14.433 34.169 -0.002 0.787  3.646 23.183 
-7.988  37.331 11 AA_DC11DC12:DG13DG14_BB A 11 ? B 14 ? A 12 ? B 13 ? 
# 
loop_
_pdbx_nmr_spectrometer.spectrometer_id 
_pdbx_nmr_spectrometer.model 
_pdbx_nmr_spectrometer.manufacturer 
_pdbx_nmr_spectrometer.field_strength 
_pdbx_nmr_spectrometer.type 
1 INOVA Varian 600 ? 
2 INOVA Varian 800 ? 
# 
_atom_sites.entry_id                    2NQ1 
_atom_sites.fract_transf_matrix[1][1]   1.000000 
_atom_sites.fract_transf_matrix[1][2]   0.000000 
_atom_sites.fract_transf_matrix[1][3]   0.000000 
_atom_sites.fract_transf_matrix[2][1]   0.000000 
_atom_sites.fract_transf_matrix[2][2]   1.000000 
_atom_sites.fract_transf_matrix[2][3]   0.000000 
_atom_sites.fract_transf_matrix[3][1]   0.000000 
_atom_sites.fract_transf_matrix[3][2]   0.000000 
_atom_sites.fract_transf_matrix[3][3]   1.000000 
_atom_sites.fract_transf_vector[1]      0.00000 
_atom_sites.fract_transf_vector[2]      0.00000 
_atom_sites.fract_transf_vector[3]      0.00000 
# 
loop_
_atom_type.symbol 
C 
H 
N 
O 
P 
# 
loop_
_atom_site.group_PDB 
_atom_site.id 
_atom_site.type_symbol 
_atom_site.label_atom_id 
_atom_site.label_alt_id 
_atom_site.label_comp_id 
_atom_site.label_asym_id 
_atom_site.label_entity_id 
_atom_site.label_seq_id 
_atom_site.pdbx_PDB_ins_code 
_atom_site.Cartn_x 
_atom_site.Cartn_y 
_atom_site.Cartn_z 
_atom_site.occupancy 
_atom_site.B_iso_or_equiv 
_atom_site.pdbx_formal_charge 
_atom_site.auth_seq_id 
_atom_site.auth_comp_id 
_atom_site.auth_asym_id 
_atom_site.auth_atom_id 
_atom_site.pdbx_PDB_model_num 
ATOM 1   O "O5'"  . DC A 1 1  ? -17.254 -4.157  -6.155  1.00 2.45 ? 1  DC A "O5'"  1 
ATOM 2   C "C5'"  . DC A 1 1  ? -15.832 -4.287  -6.232  1.00 1.94 ? 1  DC A "C5'"  1 
ATOM 3   C "C4'"  . DC A 1 1  ? -15.282 -3.469  -7.376  1.00 1.79 ? 1  DC A "C4'"  1 
ATOM 4   O "O4'"  . DC A 1 1  ? -15.717 -2.099  -7.205  1.00 1.74 ? 1  DC A "O4'"  1 
ATOM 5   C "C3'"  . DC A 1 1  ? -13.753 -3.438  -7.467  1.00 1.63 ? 1  DC A "C3'"  1 
ATOM 6   O "O3'"  . DC A 1 1  ? -13.329 -3.757  -8.797  1.00 1.73 ? 1  DC A "O3'"  1 
ATOM 7   C "C2'"  . DC A 1 1  ? -13.379 -2.009  -7.111  1.00 1.53 ? 1  DC A "C2'"  1 
ATOM 8   C "C1'"  . DC A 1 1  ? -14.634 -1.212  -7.394  1.00 1.57 ? 1  DC A "C1'"  1 
ATOM 9   N N1     . DC A 1 1  ? -14.830 -0.063  -6.496  1.00 1.45 ? 1  DC A N1     1 
ATOM 10  C C2     . DC A 1 1  ? -14.759 1.231   -7.022  1.00 1.39 ? 1  DC A C2     1 
ATOM 11  O O2     . DC A 1 1  ? -14.536 1.377   -8.233  1.00 1.46 ? 1  DC A O2     1 
ATOM 12  N N3     . DC A 1 1  ? -14.934 2.288   -6.199  1.00 1.32 ? 1  DC A N3     1 
ATOM 13  C C4     . DC A 1 1  ? -15.169 2.090   -4.898  1.00 1.31 ? 1  DC A C4     1 
ATOM 14  N N4     . DC A 1 1  ? -15.327 3.162   -4.120  1.00 1.28 ? 1  DC A N4     1 
ATOM 15  C C5     . DC A 1 1  ? -15.249 0.784   -4.337  1.00 1.38 ? 1  DC A C5     1 
ATOM 16  C C6     . DC A 1 1  ? -15.076 -0.254  -5.165  1.00 1.44 ? 1  DC A C6     1 
ATOM 17  H "H5'"  . DC A 1 1  ? -15.568 -5.334  -6.384  1.00 2.19 ? 1  DC A "H5'"  1 
ATOM 18  H "H5''" . DC A 1 1  ? -15.383 -3.940  -5.301  1.00 1.88 ? 1  DC A "H5''" 1 
ATOM 19  H "H4'"  . DC A 1 1  ? -15.638 -3.921  -8.304  1.00 1.89 ? 1  DC A "H4'"  1 
ATOM 20  H "H3'"  . DC A 1 1  ? -13.308 -4.153  -6.774  1.00 1.65 ? 1  DC A "H3'"  1 
ATOM 21  H "H2'"  . DC A 1 1  ? -13.065 -1.928  -6.075  1.00 1.50 ? 1  DC A "H2'"  1 
ATOM 22  H "H2''" . DC A 1 1  ? -12.559 -1.649  -7.729  1.00 1.57 ? 1  DC A "H2''" 1 
ATOM 23  H "H1'"  . DC A 1 1  ? -14.657 -0.860  -8.426  1.00 1.62 ? 1  DC A "H1'"  1 
ATOM 24  H H41    . DC A 1 1  ? -15.263 4.088   -4.519  1.00 1.26 ? 1  DC A H41    1 
ATOM 25  H H42    . DC A 1 1  ? -15.503 3.053   -3.133  1.00 1.30 ? 1  DC A H42    1 
ATOM 26  H H5     . DC A 1 1  ? -15.445 0.634   -3.276  1.00 1.41 ? 1  DC A H5     1 
ATOM 27  H H6     . DC A 1 1  ? -15.132 -1.268  -4.768  1.00 1.53 ? 1  DC A H6     1 
ATOM 28  H "HO5'" . DC A 1 1  ? -17.476 -3.300  -6.527  1.00 2.80 ? 1  DC A "HO5'" 1 
ATOM 29  P P      . DC A 1 2  ? -11.778 -3.607  -9.199  1.00 1.64 ? 2  DC A P      1 
ATOM 30  O OP1    . DC A 1 2  ? -11.621 -4.136  -10.577 1.00 1.91 ? 2  DC A OP1    1 
ATOM 31  O OP2    . DC A 1 2  ? -10.952 -4.166  -8.098  1.00 1.60 ? 2  DC A OP2    1 
ATOM 32  O "O5'"  . DC A 1 2  ? -11.550 -2.030  -9.242  1.00 1.48 ? 2  DC A "O5'"  1 
ATOM 33  C "C5'"  . DC A 1 2  ? -12.408 -1.187  -10.014 1.00 1.68 ? 2  DC A "C5'"  1 
ATOM 34  C "C4'"  . DC A 1 2  ? -11.627 -0.521  -11.123 1.00 1.57 ? 2  DC A "C4'"  1 
ATOM 35  O "O4'"  . DC A 1 2  ? -11.487 0.882   -10.832 1.00 1.43 ? 2  DC A "O4'"  1 
ATOM 36  C "C3'"  . DC A 1 2  ? -10.190 -0.986  -11.275 1.00 1.51 ? 2  DC A "C3'"  1 
ATOM 37  O "O3'"  . DC A 1 2  ? -9.701  -0.577  -12.561 1.00 1.62 ? 2  DC A "O3'"  1 
ATOM 38  C "C2'"  . DC A 1 2  ? -9.507  -0.242  -10.139 1.00 1.30 ? 2  DC A "C2'"  1 
ATOM 39  C "C1'"  . DC A 1 2  ? -10.305 1.065   -10.060 1.00 1.24 ? 2  DC A "C1'"  1 
ATOM 40  N N1     . DC A 1 2  ? -10.738 1.493   -8.721  1.00 1.10 ? 2  DC A N1     1 
ATOM 41  C C2     . DC A 1 2  ? -10.828 2.858   -8.472  1.00 1.01 ? 2  DC A C2     1 
ATOM 42  O O2     . DC A 1 2  ? -10.494 3.645   -9.365  1.00 1.07 ? 2  DC A O2     1 
ATOM 43  N N3     . DC A 1 2  ? -11.271 3.288   -7.272  1.00 0.92 ? 2  DC A N3     1 
ATOM 44  C C4     . DC A 1 2  ? -11.603 2.405   -6.332  1.00 0.92 ? 2  DC A C4     1 
ATOM 45  N N4     . DC A 1 2  ? -12.037 2.881   -5.166  1.00 0.88 ? 2  DC A N4     1 
ATOM 46  C C5     . DC A 1 2  ? -11.504 0.999   -6.549  1.00 1.02 ? 2  DC A C5     1 
ATOM 47  C C6     . DC A 1 2  ? -11.073 0.592   -7.747  1.00 1.10 ? 2  DC A C6     1 
ATOM 48  H "H5'"  . DC A 1 2  ? -12.840 -0.419  -9.372  1.00 1.80 ? 2  DC A "H5'"  1 
ATOM 49  H "H5''" . DC A 1 2  ? -13.210 -1.781  -10.444 1.00 1.99 ? 2  DC A "H5''" 1 
ATOM 50  H "H4'"  . DC A 1 2  ? -12.136 -0.721  -12.066 1.00 1.71 ? 2  DC A "H4'"  1 
ATOM 51  H "H3'"  . DC A 1 2  ? -10.108 -2.068  -11.174 1.00 1.60 ? 2  DC A "H3'"  1 
ATOM 52  H "H2'"  . DC A 1 2  ? -9.547  -0.808  -9.210  1.00 1.26 ? 2  DC A "H2'"  1 
ATOM 53  H "H2''" . DC A 1 2  ? -8.458  -0.052  -10.361 1.00 1.30 ? 2  DC A "H2''" 1 
ATOM 54  H "H1'"  . DC A 1 2  ? -9.736  1.881   -10.508 1.00 1.22 ? 2  DC A "H1'"  1 
ATOM 55  H H41    . DC A 1 2  ? -12.104 3.878   -5.024  1.00 0.85 ? 2  DC A H41    1 
ATOM 56  H H42    . DC A 1 2  ? -12.298 2.255   -4.427  1.00 0.93 ? 2  DC A H42    1 
ATOM 57  H H5     . DC A 1 2  ? -11.766 0.284   -5.771  1.00 1.07 ? 2  DC A H5     1 
ATOM 58  H H6     . DC A 1 2  ? -10.999 -0.476  -7.949  1.00 1.21 ? 2  DC A H6     1 
ATOM 59  P P      . DT A 1 3  ? -8.142  -0.731  -12.919 1.00 2.02 ? 3  DT A P      1 
ATOM 60  O OP1    . DT A 1 3  ? -7.997  -0.624  -14.392 1.00 2.72 ? 3  DT A OP1    1 
ATOM 61  O OP2    . DT A 1 3  ? -7.643  -1.942  -12.219 1.00 2.70 ? 3  DT A OP2    1 
ATOM 62  O "O5'"  . DT A 1 3  ? -7.457  0.548   -12.260 1.00 1.63 ? 3  DT A "O5'"  1 
ATOM 63  C "C5'"  . DT A 1 3  ? -6.265  0.410   -11.491 1.00 1.33 ? 3  DT A "C5'"  1 
ATOM 64  C "C4'"  . DT A 1 3  ? -5.696  1.762   -11.129 1.00 1.14 ? 3  DT A "C4'"  1 
ATOM 65  O "O4'"  . DT A 1 3  ? -6.542  2.409   -10.139 1.00 0.99 ? 3  DT A "O4'"  1 
ATOM 66  C "C3'"  . DT A 1 3  ? -4.335  1.661   -10.449 1.00 1.14 ? 3  DT A "C3'"  1 
ATOM 67  O "O3'"  . DT A 1 3  ? -3.617  2.900   -10.554 1.00 1.12 ? 3  DT A "O3'"  1 
ATOM 68  C "C2'"  . DT A 1 3  ? -4.764  1.394   -9.025  1.00 1.05 ? 3  DT A "C2'"  1 
ATOM 69  C "C1'"  . DT A 1 3  ? -5.815  2.481   -8.915  1.00 0.88 ? 3  DT A "C1'"  1 
ATOM 70  N N1     . DT A 1 3  ? -6.754  2.305   -7.800  1.00 0.80 ? 3  DT A N1     1 
ATOM 71  C C2     . DT A 1 3  ? -7.234  3.413   -7.140  1.00 0.67 ? 3  DT A C2     1 
ATOM 72  O O2     . DT A 1 3  ? -6.919  4.552   -7.442  1.00 0.64 ? 3  DT A O2     1 
ATOM 73  N N3     . DT A 1 3  ? -8.098  3.134   -6.112  1.00 0.63 ? 3  DT A N3     1 
ATOM 74  C C4     . DT A 1 3  ? -8.530  1.891   -5.707  1.00 0.74 ? 3  DT A C4     1 
ATOM 75  O O4     . DT A 1 3  ? -9.291  1.790   -4.750  1.00 0.74 ? 3  DT A O4     1 
ATOM 76  C C5     . DT A 1 3  ? -8.001  0.778   -6.457  1.00 0.88 ? 3  DT A C5     1 
ATOM 77  C C7     . DT A 1 3  ? -8.547  -0.589  -6.198  1.00 1.06 ? 3  DT A C7     1 
ATOM 78  C C6     . DT A 1 3  ? -7.130  1.037   -7.442  1.00 0.89 ? 3  DT A C6     1 
ATOM 79  H "H5'"  . DT A 1 3  ? -5.525  -0.143  -12.064 1.00 1.79 ? 3  DT A "H5'"  1 
ATOM 80  H "H5''" . DT A 1 3  ? -6.484  -0.139  -10.577 1.00 1.87 ? 3  DT A "H5''" 1 
ATOM 81  H "H4'"  . DT A 1 3  ? -5.563  2.337   -12.046 1.00 1.20 ? 3  DT A "H4'"  1 
ATOM 82  H "H3'"  . DT A 1 3  ? -3.740  0.847   -10.861 1.00 1.29 ? 3  DT A "H3'"  1 
ATOM 83  H "H2'"  . DT A 1 3  ? -5.194  0.398   -8.939  1.00 1.13 ? 3  DT A "H2'"  1 
ATOM 84  H "H2''" . DT A 1 3  ? -3.934  1.431   -8.339  1.00 1.10 ? 3  DT A "H2''" 1 
ATOM 85  H "H1'"  . DT A 1 3  ? -5.357  3.471   -8.845  1.00 0.82 ? 3  DT A "H1'"  1 
ATOM 86  H H3     . DT A 1 3  ? -8.459  3.904   -5.564  1.00 0.56 ? 3  DT A H3     1 
ATOM 87  H H71    . DT A 1 3  ? -8.774  -1.074  -7.147  1.00 1.62 ? 3  DT A H71    1 
ATOM 88  H H72    . DT A 1 3  ? -9.459  -0.506  -5.606  1.00 1.54 ? 3  DT A H72    1 
ATOM 89  H H73    . DT A 1 3  ? -7.811  -1.179  -5.653  1.00 1.25 ? 3  DT A H73    1 
ATOM 90  H H6     . DT A 1 3  ? -6.672  0.202   -7.970  1.00 1.02 ? 3  DT A H6     1 
ATOM 91  P P      . DC A 1 4  ? -2.009  2.898   -10.519 1.00 1.20 ? 4  DC A P      1 
ATOM 92  O OP1    . DC A 1 4  ? -1.520  2.660   -11.901 1.00 1.45 ? 4  DC A OP1    1 
ATOM 93  O OP2    . DC A 1 4  ? -1.591  1.981   -9.427  1.00 1.35 ? 4  DC A OP2    1 
ATOM 94  O "O5'"  . DC A 1 4  ? -1.614  4.387   -10.103 1.00 1.14 ? 4  DC A "O5'"  1 
ATOM 95  C "C5'"  . DC A 1 4  ? -2.503  5.210   -9.339  1.00 0.93 ? 4  DC A "C5'"  1 
ATOM 96  C "C4'"  . DC A 1 4  ? -1.830  5.668   -8.064  1.00 0.98 ? 4  DC A "C4'"  1 
ATOM 97  O "O4'"  . DC A 1 4  ? -2.717  5.386   -6.950  1.00 0.89 ? 4  DC A "O4'"  1 
ATOM 98  C "C3'"  . DC A 1 4  ? -0.519  4.951   -7.733  1.00 1.20 ? 4  DC A "C3'"  1 
ATOM 99  O "O3'"  . DC A 1 4  ? 0.367   5.791   -6.987  1.00 1.34 ? 4  DC A "O3'"  1 
ATOM 100 C "C2'"  . DC A 1 4  ? -0.998  3.802   -6.875  1.00 1.17 ? 4  DC A "C2'"  1 
ATOM 101 C "C1'"  . DC A 1 4  ? -2.085  4.479   -6.060  1.00 0.99 ? 4  DC A "C1'"  1 
ATOM 102 N N1     . DC A 1 4  ? -3.104  3.552   -5.533  1.00 0.94 ? 4  DC A N1     1 
ATOM 103 C C2     . DC A 1 4  ? -4.067  4.026   -4.633  1.00 0.81 ? 4  DC A C2     1 
ATOM 104 O O2     . DC A 1 4  ? -4.035  5.216   -4.288  1.00 0.77 ? 4  DC A O2     1 
ATOM 105 N N3     . DC A 1 4  ? -5.006  3.170   -4.164  1.00 0.79 ? 4  DC A N3     1 
ATOM 106 C C4     . DC A 1 4  ? -5.009  1.898   -4.568  1.00 0.88 ? 4  DC A C4     1 
ATOM 107 N N4     . DC A 1 4  ? -5.952  1.086   -4.093  1.00 0.88 ? 4  DC A N4     1 
ATOM 108 C C5     . DC A 1 4  ? -4.042  1.394   -5.480  1.00 1.01 ? 4  DC A C5     1 
ATOM 109 C C6     . DC A 1 4  ? -3.112  2.241   -5.923  1.00 1.03 ? 4  DC A C6     1 
ATOM 110 H "H5'"  . DC A 1 4  ? -3.400  4.645   -9.084  1.00 0.85 ? 4  DC A "H5'"  1 
ATOM 111 H "H5''" . DC A 1 4  ? -2.787  6.084   -9.925  1.00 1.00 ? 4  DC A "H5''" 1 
ATOM 112 H "H4'"  . DC A 1 4  ? -1.596  6.729   -8.172  1.00 1.03 ? 4  DC A "H4'"  1 
ATOM 113 H "H3'"  . DC A 1 4  ? -0.018  4.606   -8.638  1.00 1.31 ? 4  DC A "H3'"  1 
ATOM 114 H "H2'"  . DC A 1 4  ? -1.387  3.007   -7.497  1.00 1.18 ? 4  DC A "H2'"  1 
ATOM 115 H "H2''" . DC A 1 4  ? -0.195  3.378   -6.279  1.00 1.31 ? 4  DC A "H2''" 1 
ATOM 116 H "H1'"  . DC A 1 4  ? -1.663  5.054   -5.229  1.00 1.03 ? 4  DC A "H1'"  1 
ATOM 117 H H41    . DC A 1 4  ? -6.664  1.382   -3.448  1.00 0.82 ? 4  DC A H41    1 
ATOM 118 H H42    . DC A 1 4  ? -5.958  0.129   -4.393  1.00 0.98 ? 4  DC A H42    1 
ATOM 119 H H5     . DC A 1 4  ? -4.058  0.355   -5.807  1.00 1.11 ? 4  DC A H5     1 
ATOM 120 H H6     . DC A 1 4  ? -2.333  1.872   -6.587  1.00 1.14 ? 4  DC A H6     1 
ATOM 121 P P      . DA A 1 5  ? 1.215   6.932   -7.739  1.00 1.62 ? 5  DA A P      1 
ATOM 122 O OP1    . DA A 1 5  ? 0.776   6.973   -9.158  1.00 2.28 ? 5  DA A OP1    1 
ATOM 123 O OP2    . DA A 1 5  ? 2.651   6.727   -7.421  1.00 2.34 ? 5  DA A OP2    1 
ATOM 124 O "O5'"  . DA A 1 5  ? 0.730   8.273   -7.032  1.00 1.32 ? 5  DA A "O5'"  1 
ATOM 125 C "C5'"  . DA A 1 5  ? -0.345  8.251   -6.091  1.00 1.57 ? 5  DA A "C5'"  1 
ATOM 126 C "C4'"  . DA A 1 5  ? 0.111   8.803   -4.761  1.00 1.32 ? 5  DA A "C4'"  1 
ATOM 127 O "O4'"  . DA A 1 5  ? -0.542  8.075   -3.698  1.00 1.15 ? 5  DA A "O4'"  1 
ATOM 128 C "C3'"  . DA A 1 5  ? 1.604   8.680   -4.467  1.00 1.32 ? 5  DA A "C3'"  1 
ATOM 129 O "O3'"  . DA A 1 5  ? 2.017   9.747   -3.605  1.00 1.38 ? 5  DA A "O3'"  1 
ATOM 130 C "C2'"  . DA A 1 5  ? 1.708   7.333   -3.777  1.00 1.18 ? 5  DA A "C2'"  1 
ATOM 131 C "C1'"  . DA A 1 5  ? 0.379   7.207   -3.050  1.00 1.05 ? 5  DA A "C1'"  1 
ATOM 132 N N9     . DA A 1 5  ? -0.197  5.865   -3.072  1.00 1.01 ? 5  DA A N9     1 
ATOM 133 C C8     . DA A 1 5  ? 0.146   4.803   -3.868  1.00 1.03 ? 5  DA A C8     1 
ATOM 134 N N7     . DA A 1 5  ? -0.592  3.736   -3.671  1.00 1.01 ? 5  DA A N7     1 
ATOM 135 C C5     . DA A 1 5  ? -1.476  4.124   -2.673  1.00 0.97 ? 5  DA A C5     1 
ATOM 136 C C6     . DA A 1 5  ? -2.522  3.451   -2.013  1.00 0.94 ? 5  DA A C6     1 
ATOM 137 N N6     . DA A 1 5  ? -2.882  2.194   -2.267  1.00 0.95 ? 5  DA A N6     1 
ATOM 138 N N1     . DA A 1 5  ? -3.200  4.127   -1.067  1.00 0.93 ? 5  DA A N1     1 
ATOM 139 C C2     . DA A 1 5  ? -2.847  5.390   -0.799  1.00 0.95 ? 5  DA A C2     1 
ATOM 140 N N3     . DA A 1 5  ? -1.889  6.127   -1.346  1.00 0.97 ? 5  DA A N3     1 
ATOM 141 C C4     . DA A 1 5  ? -1.235  5.428   -2.287  1.00 0.97 ? 5  DA A C4     1 
ATOM 142 H "H5'"  . DA A 1 5  ? -0.692  7.227   -5.953  1.00 2.38 ? 5  DA A "H5'"  1 
ATOM 143 H "H5''" . DA A 1 5  ? -1.169  8.859   -6.465  1.00 1.83 ? 5  DA A "H5''" 1 
ATOM 144 H "H4'"  . DA A 1 5  ? -0.122  9.864   -4.755  1.00 1.38 ? 5  DA A "H4'"  1 
ATOM 145 H "H3'"  . DA A 1 5  ? 2.187   8.707   -5.383  1.00 1.48 ? 5  DA A "H3'"  1 
ATOM 146 H "H2'"  . DA A 1 5  ? 1.864   6.530   -4.495  1.00 1.24 ? 5  DA A "H2'"  1 
ATOM 147 H "H2''" . DA A 1 5  ? 2.541   7.310   -3.073  1.00 1.24 ? 5  DA A "H2''" 1 
ATOM 148 H "H1'"  . DA A 1 5  ? 0.471   7.528   -2.013  1.00 1.08 ? 5  DA A "H1'"  1 
ATOM 149 H H8     . DA A 1 5  ? 0.947   4.845   -4.592  1.00 1.08 ? 5  DA A H8     1 
ATOM 150 H H61    . DA A 1 5  ? -3.649  1.771   -1.764  1.00 0.94 ? 5  DA A H61    1 
ATOM 151 H H62    . DA A 1 5  ? -2.398  1.661   -2.965  1.00 0.99 ? 5  DA A H62    1 
ATOM 152 H H2     . DA A 1 5  ? -3.430  5.885   -0.024  1.00 0.97 ? 5  DA A H2     1 
ATOM 153 P P      . DG A 1 6  ? 3.497   9.747   -2.978  1.00 1.71 ? 6  DG A P      1 
ATOM 154 O OP1    . DG A 1 6  ? 3.910   11.164  -2.823  1.00 2.53 ? 6  DG A OP1    1 
ATOM 155 O OP2    . DG A 1 6  ? 4.350   8.817   -3.761  1.00 2.24 ? 6  DG A OP2    1 
ATOM 156 O "O5'"  . DG A 1 6  ? 3.297   9.132   -1.520  1.00 1.57 ? 6  DG A "O5'"  1 
ATOM 157 C "C5'"  . DG A 1 6  ? 2.166   9.484   -0.719  1.00 1.33 ? 6  DG A "C5'"  1 
ATOM 158 C "C4'"  . DG A 1 6  ? 2.271   8.843   0.645   1.00 1.20 ? 6  DG A "C4'"  1 
ATOM 159 O "O4'"  . DG A 1 6  ? 1.513   7.605   0.645   1.00 1.07 ? 6  DG A "O4'"  1 
ATOM 160 C "C3'"  . DG A 1 6  ? 3.687   8.452   1.061   1.00 1.24 ? 6  DG A "C3'"  1 
ATOM 161 O "O3'"  . DG A 1 6  ? 3.825   8.535   2.485   1.00 1.29 ? 6  DG A "O3'"  1 
ATOM 162 C "C2'"  . DG A 1 6  ? 3.775   7.016   0.582   1.00 1.12 ? 6  DG A "C2'"  1 
ATOM 163 C "C1'"  . DG A 1 6  ? 2.386   6.522   0.925   1.00 1.01 ? 6  DG A "C1'"  1 
ATOM 164 N N9     . DG A 1 6  ? 1.946   5.364   0.159   1.00 0.96 ? 6  DG A N9     1 
ATOM 165 C C8     . DG A 1 6  ? 2.527   4.875   -0.979  1.00 0.97 ? 6  DG A C8     1 
ATOM 166 N N7     . DG A 1 6  ? 1.944   3.803   -1.438  1.00 0.94 ? 6  DG A N7     1 
ATOM 167 C C5     . DG A 1 6  ? 0.909   3.570   -0.542  1.00 0.92 ? 6  DG A C5     1 
ATOM 168 C C6     . DG A 1 6  ? -0.061  2.541   -0.512  1.00 0.92 ? 6  DG A C6     1 
ATOM 169 O O6     . DG A 1 6  ? -0.208  1.601   -1.299  1.00 0.93 ? 6  DG A O6     1 
ATOM 170 N N1     . DG A 1 6  ? -0.921  2.676   0.575   1.00 0.92 ? 6  DG A N1     1 
ATOM 171 C C2     . DG A 1 6  ? -0.858  3.683   1.508   1.00 0.93 ? 6  DG A C2     1 
ATOM 172 N N2     . DG A 1 6  ? -1.777  3.655   2.488   1.00 0.96 ? 6  DG A N2     1 
ATOM 173 N N3     . DG A 1 6  ? 0.041   4.653   1.487   1.00 0.94 ? 6  DG A N3     1 
ATOM 174 C C4     . DG A 1 6  ? 0.890   4.532   0.444   1.00 0.93 ? 6  DG A C4     1 
ATOM 175 H "H5'"  . DG A 1 6  ? 1.254   9.137   -1.204  1.00 1.50 ? 6  DG A "H5'"  1 
ATOM 176 H "H5''" . DG A 1 6  ? 2.119   10.566  -0.603  1.00 1.38 ? 6  DG A "H5''" 1 
ATOM 177 H "H4'"  . DG A 1 6  ? 1.918   9.564   1.380   1.00 1.24 ? 6  DG A "H4'"  1 
ATOM 178 H "H3'"  . DG A 1 6  ? 4.432   9.090   0.585   1.00 1.37 ? 6  DG A "H3'"  1 
ATOM 179 H "H2'"  . DG A 1 6  ? 3.978   6.969   -0.488  1.00 1.13 ? 6  DG A "H2'"  1 
ATOM 180 H "H2''" . DG A 1 6  ? 4.567   6.476   1.089   1.00 1.13 ? 6  DG A "H2''" 1 
ATOM 181 H "H1'"  . DG A 1 6  ? 2.310   6.286   1.983   1.00 0.99 ? 6  DG A "H1'"  1 
ATOM 182 H H8     . DG A 1 6  ? 3.393   5.326   -1.436  1.00 1.01 ? 6  DG A H8     1 
ATOM 183 H H1     . DG A 1 6  ? -1.637  1.970   0.668   1.00 0.94 ? 6  DG A H1     1 
ATOM 184 H H21    . DG A 1 6  ? -2.486  2.936   2.552   1.00 0.98 ? 6  DG A H21    1 
ATOM 185 H H22    . DG A 1 6  ? -1.754  4.381   3.189   1.00 0.98 ? 6  DG A H22    1 
ATOM 186 P P      . DG A 1 7  ? 5.167   8.004   3.195   1.00 1.43 ? 7  DG A P      1 
ATOM 187 O OP1    . DG A 1 7  ? 5.095   8.404   4.624   1.00 2.15 ? 7  DG A OP1    1 
ATOM 188 O OP2    . DG A 1 7  ? 6.330   8.426   2.374   1.00 1.96 ? 7  DG A OP2    1 
ATOM 189 O "O5'"  . DG A 1 7  ? 5.047   6.416   3.117   1.00 1.12 ? 7  DG A "O5'"  1 
ATOM 190 C "C5'"  . DG A 1 7  ? 5.070   5.619   4.301   1.00 1.00 ? 7  DG A "C5'"  1 
ATOM 191 C "C4'"  . DG A 1 7  ? 3.661   5.361   4.782   1.00 0.87 ? 7  DG A "C4'"  1 
ATOM 192 O "O4'"  . DG A 1 7  ? 2.888   4.835   3.672   1.00 0.85 ? 7  DG A "O4'"  1 
ATOM 193 C "C3'"  . DG A 1 7  ? 3.507   4.329   5.903   1.00 0.92 ? 7  DG A "C3'"  1 
ATOM 194 O "O3'"  . DG A 1 7  ? 2.372   4.647   6.721   1.00 1.09 ? 7  DG A "O3'"  1 
ATOM 195 C "C2'"  . DG A 1 7  ? 3.257   3.051   5.131   1.00 0.77 ? 7  DG A "C2'"  1 
ATOM 196 C "C1'"  . DG A 1 7  ? 2.370   3.563   4.029   1.00 0.80 ? 7  DG A "C1'"  1 
ATOM 197 N N9     . DG A 1 7  ? 2.343   2.716   2.843   1.00 0.79 ? 7  DG A N9     1 
ATOM 198 C C8     . DG A 1 7  ? 3.078   2.850   1.694   1.00 0.81 ? 7  DG A C8     1 
ATOM 199 N N7     . DG A 1 7  ? 2.828   1.920   0.812   1.00 0.81 ? 7  DG A N7     1 
ATOM 200 C C5     . DG A 1 7  ? 1.867   1.123   1.422   1.00 0.79 ? 7  DG A C5     1 
ATOM 201 C C6     . DG A 1 7  ? 1.203   -0.043  0.959   1.00 0.81 ? 7  DG A C6     1 
ATOM 202 O O6     . DG A 1 7  ? 1.338   -0.629  -0.120  1.00 0.84 ? 7  DG A O6     1 
ATOM 203 N N1     . DG A 1 7  ? 0.301   -0.528  1.902   1.00 0.80 ? 7  DG A N1     1 
ATOM 204 C C2     . DG A 1 7  ? 0.072   0.034   3.133   1.00 0.79 ? 7  DG A C2     1 
ATOM 205 N N2     . DG A 1 7  ? -0.835  -0.571  3.907   1.00 0.81 ? 7  DG A N2     1 
ATOM 206 N N3     . DG A 1 7  ? 0.684   1.115   3.576   1.00 0.78 ? 7  DG A N3     1 
ATOM 207 C C4     . DG A 1 7  ? 1.560   1.604   2.675   1.00 0.78 ? 7  DG A C4     1 
ATOM 208 H "H5'"  . DG A 1 7  ? 5.630   6.139   5.078   1.00 1.07 ? 7  DG A "H5'"  1 
ATOM 209 H "H5''" . DG A 1 7  ? 5.552   4.666   4.087   1.00 1.06 ? 7  DG A "H5''" 1 
ATOM 210 H "H4'"  . DG A 1 7  ? 3.268   6.301   5.168   1.00 0.93 ? 7  DG A "H4'"  1 
ATOM 211 H "H3'"  . DG A 1 7  ? 4.399   4.265   6.525   1.00 1.16 ? 7  DG A "H3'"  1 
ATOM 212 H "H2'"  . DG A 1 7  ? 4.183   2.630   4.753   1.00 0.79 ? 7  DG A "H2'"  1 
ATOM 213 H "H2''" . DG A 1 7  ? 2.768   2.293   5.742   1.00 0.73 ? 7  DG A "H2''" 1 
ATOM 214 H "H1'"  . DG A 1 7  ? 1.352   3.697   4.383   1.00 0.83 ? 7  DG A "H1'"  1 
ATOM 215 H H8     . DG A 1 7  ? 3.789   3.648   1.534   1.00 0.83 ? 7  DG A H8     1 
ATOM 216 H H1     . DG A 1 7  ? -0.229  -1.357  1.670   1.00 0.83 ? 7  DG A H1     1 
ATOM 217 H H21    . DG A 1 7  ? -1.315  -1.405  3.593   1.00 0.84 ? 7  DG A H21    1 
ATOM 218 H H22    . DG A 1 7  ? -1.039  -0.194  4.820   1.00 0.81 ? 7  DG A H22    1 
ATOM 219 P P      . DC A 1 8  ? 2.512   4.653   8.324   1.00 1.08 ? 8  DC A P      1 
ATOM 220 O OP1    . DC A 1 8  ? 1.469   5.569   8.847   1.00 1.79 ? 8  DC A OP1    1 
ATOM 221 O OP2    . DC A 1 8  ? 3.936   4.885   8.680   1.00 1.28 ? 8  DC A OP2    1 
ATOM 222 O "O5'"  . DC A 1 8  ? 2.121   3.169   8.756   1.00 0.89 ? 8  DC A "O5'"  1 
ATOM 223 C "C5'"  . DC A 1 8  ? 2.727   2.036   8.134   1.00 0.77 ? 8  DC A "C5'"  1 
ATOM 224 C "C4'"  . DC A 1 8  ? 3.397   1.165   9.170   1.00 0.75 ? 8  DC A "C4'"  1 
ATOM 225 O "O4'"  . DC A 1 8  ? 3.374   -0.200  8.700   1.00 0.69 ? 8  DC A "O4'"  1 
ATOM 226 C "C3'"  . DC A 1 8  ? 4.864   1.505   9.441   1.00 0.80 ? 8  DC A "C3'"  1 
ATOM 227 O "O3'"  . DC A 1 8  ? 5.097   1.557   10.854  1.00 0.96 ? 8  DC A "O3'"  1 
ATOM 228 C "C2'"  . DC A 1 8  ? 5.654   0.371   8.801   1.00 0.69 ? 8  DC A "C2'"  1 
ATOM 229 C "C1'"  . DC A 1 8  ? 4.630   -0.548  8.155   1.00 0.65 ? 8  DC A "C1'"  1 
ATOM 230 N N1     . DC A 1 8  ? 4.527   -0.471  6.684   1.00 0.61 ? 8  DC A N1     1 
ATOM 231 C C2     . DC A 1 8  ? 3.776   -1.446  6.015   1.00 0.61 ? 8  DC A C2     1 
ATOM 232 O O2     . DC A 1 8  ? 3.226   -2.341  6.675   1.00 0.63 ? 8  DC A O2     1 
ATOM 233 N N3     . DC A 1 8  ? 3.668   -1.390  4.669   1.00 0.62 ? 8  DC A N3     1 
ATOM 234 C C4     . DC A 1 8  ? 4.267   -0.408  3.993   1.00 0.63 ? 8  DC A C4     1 
ATOM 235 N N4     . DC A 1 8  ? 4.127   -0.380  2.668   1.00 0.68 ? 8  DC A N4     1 
ATOM 236 C C5     . DC A 1 8  ? 5.035   0.597   4.644   1.00 0.62 ? 8  DC A C5     1 
ATOM 237 C C6     . DC A 1 8  ? 5.147   0.523   5.977   1.00 0.62 ? 8  DC A C6     1 
ATOM 238 H "H5'"  . DC A 1 8  ? 3.476   2.368   7.420   1.00 0.80 ? 8  DC A "H5'"  1 
ATOM 239 H "H5''" . DC A 1 8  ? 1.970   1.450   7.611   1.00 0.76 ? 8  DC A "H5''" 1 
ATOM 240 H "H4'"  . DC A 1 8  ? 2.863   1.305   10.112  1.00 0.81 ? 8  DC A "H4'"  1 
ATOM 241 H "H3'"  . DC A 1 8  ? 5.124   2.471   9.008   1.00 0.89 ? 8  DC A "H3'"  1 
ATOM 242 H "H2'"  . DC A 1 8  ? 6.384   0.743   8.090   1.00 0.68 ? 8  DC A "H2'"  1 
ATOM 243 H "H2''" . DC A 1 8  ? 6.192   -0.209  9.547   1.00 0.74 ? 8  DC A "H2''" 1 
ATOM 244 H "H1'"  . DC A 1 8  ? 4.826   -1.585  8.427   1.00 0.68 ? 8  DC A "H1'"  1 
ATOM 245 H H41    . DC A 1 8  ? 3.572   -1.082  2.206   1.00 0.71 ? 8  DC A H41    1 
ATOM 246 H H42    . DC A 1 8  ? 4.565   0.350   2.125   1.00 0.70 ? 8  DC A H42    1 
ATOM 247 H H5     . DC A 1 8  ? 5.497   1.407   4.082   1.00 0.64 ? 8  DC A H5     1 
ATOM 248 H H6     . DC A 1 8  ? 5.757   1.259   6.497   1.00 0.64 ? 8  DC A H6     1 
ATOM 249 P P      . DC A 1 9  ? 6.585   1.354   11.432  1.00 1.19 ? 9  DC A P      1 
ATOM 250 O OP1    . DC A 1 9  ? 6.613   1.942   12.794  1.00 1.83 ? 9  DC A OP1    1 
ATOM 251 O OP2    . DC A 1 9  ? 7.561   1.819   10.412  1.00 1.81 ? 9  DC A OP2    1 
ATOM 252 O "O5'"  . DC A 1 9  ? 6.723   -0.229  11.575  1.00 1.16 ? 9  DC A "O5'"  1 
ATOM 253 C "C5'"  . DC A 1 9  ? 5.574   -1.047  11.813  1.00 1.00 ? 9  DC A "C5'"  1 
ATOM 254 C "C4'"  . DC A 1 9  ? 5.881   -2.490  11.494  1.00 0.92 ? 9  DC A "C4'"  1 
ATOM 255 O "O4'"  . DC A 1 9  ? 5.743   -2.671  10.062  1.00 0.85 ? 9  DC A "O4'"  1 
ATOM 256 C "C3'"  . DC A 1 9  ? 7.293   -2.956  11.859  1.00 0.97 ? 9  DC A "C3'"  1 
ATOM 257 O "O3'"  . DC A 1 9  ? 7.237   -4.260  12.447  1.00 1.16 ? 9  DC A "O3'"  1 
ATOM 258 C "C2'"  . DC A 1 9  ? 8.020   -2.971  10.527  1.00 0.86 ? 9  DC A "C2'"  1 
ATOM 259 C "C1'"  . DC A 1 9  ? 6.921   -3.233  9.517   1.00 0.78 ? 9  DC A "C1'"  1 
ATOM 260 N N1     . DC A 1 9  ? 7.153   -2.616  8.202   1.00 0.66 ? 9  DC A N1     1 
ATOM 261 C C2     . DC A 1 9  ? 6.646   -3.228  7.047   1.00 0.60 ? 9  DC A C2     1 
ATOM 262 O O2     . DC A 1 9  ? 6.022   -4.294  7.152   1.00 0.63 ? 9  DC A O2     1 
ATOM 263 N N3     . DC A 1 9  ? 6.854   -2.637  5.845   1.00 0.56 ? 9  DC A N3     1 
ATOM 264 C C4     . DC A 1 9  ? 7.543   -1.494  5.777   1.00 0.57 ? 9  DC A C4     1 
ATOM 265 N N4     . DC A 1 9  ? 7.749   -0.943  4.582   1.00 0.58 ? 9  DC A N4     1 
ATOM 266 C C5     . DC A 1 9  ? 8.063   -0.860  6.934   1.00 0.61 ? 9  DC A C5     1 
ATOM 267 C C6     . DC A 1 9  ? 7.851   -1.449  8.110   1.00 0.65 ? 9  DC A C6     1 
ATOM 268 H "H5'"  . DC A 1 9  ? 4.752   -0.715  11.181  1.00 1.32 ? 9  DC A "H5'"  1 
ATOM 269 H "H5''" . DC A 1 9  ? 5.276   -0.968  12.859  1.00 1.37 ? 9  DC A "H5''" 1 
ATOM 270 H "H4'"  . DC A 1 9  ? 5.190   -3.108  12.071  1.00 1.01 ? 9  DC A "H4'"  1 
ATOM 271 H "H3'"  . DC A 1 9  ? 7.758   -2.267  12.565  1.00 1.07 ? 9  DC A "H3'"  1 
ATOM 272 H "H2'"  . DC A 1 9  ? 8.529   -2.028  10.348  1.00 0.84 ? 9  DC A "H2'"  1 
ATOM 273 H "H2''" . DC A 1 9  ? 8.766   -3.755  10.481  1.00 0.93 ? 9  DC A "H2''" 1 
ATOM 274 H "H1'"  . DC A 1 9  ? 6.753   -4.300  9.381   1.00 0.84 ? 9  DC A "H1'"  1 
ATOM 275 H H41    . DC A 1 9  ? 7.420   -1.380  3.741   1.00 0.59 ? 9  DC A H41    1 
ATOM 276 H H42    . DC A 1 9  ? 8.271   -0.081  4.519   1.00 0.62 ? 9  DC A H42    1 
ATOM 277 H H5     . DC A 1 9  ? 8.621   0.067   6.862   1.00 0.64 ? 9  DC A H5     1 
ATOM 278 H H6     . DC A 1 9  ? 8.250   -0.993  9.014   1.00 0.71 ? 9  DC A H6     1 
ATOM 279 P P      . DT A 1 10 ? 8.596   -5.021  12.854  1.00 1.24 ? 10 DT A P      1 
ATOM 280 O OP1    . DT A 1 10 ? 8.495   -5.357  14.297  1.00 1.82 ? 10 DT A OP1    1 
ATOM 281 O OP2    . DT A 1 10 ? 9.766   -4.250  12.361  1.00 1.73 ? 10 DT A OP2    1 
ATOM 282 O "O5'"  . DT A 1 10 ? 8.508   -6.379  12.027  1.00 1.35 ? 10 DT A "O5'"  1 
ATOM 283 C "C5'"  . DT A 1 10 ? 7.334   -6.688  11.278  1.00 1.29 ? 10 DT A "C5'"  1 
ATOM 284 C "C4'"  . DT A 1 10 ? 7.592   -7.839  10.333  1.00 1.15 ? 10 DT A "C4'"  1 
ATOM 285 O "O4'"  . DT A 1 10 ? 7.574   -7.323  8.984   1.00 0.97 ? 10 DT A "O4'"  1 
ATOM 286 C "C3'"  . DT A 1 10 ? 8.936   -8.548  10.488  1.00 1.16 ? 10 DT A "C3'"  1 
ATOM 287 O "O3'"  . DT A 1 10 ? 8.799   -9.930  10.134  1.00 1.29 ? 10 DT A "O3'"  1 
ATOM 288 C "C2'"  . DT A 1 10 ? 9.826   -7.822  9.494   1.00 0.96 ? 10 DT A "C2'"  1 
ATOM 289 C "C1'"  . DT A 1 10 ? 8.856   -7.434  8.390   1.00 0.83 ? 10 DT A "C1'"  1 
ATOM 290 N N1     . DT A 1 10 ? 9.157   -6.151  7.726   1.00 0.67 ? 10 DT A N1     1 
ATOM 291 C C2     . DT A 1 10 ? 8.871   -6.057  6.388   1.00 0.60 ? 10 DT A C2     1 
ATOM 292 O O2     . DT A 1 10 ? 8.375   -6.974  5.758   1.00 0.65 ? 10 DT A O2     1 
ATOM 293 N N3     . DT A 1 10 ? 9.190   -4.849  5.818   1.00 0.53 ? 10 DT A N3     1 
ATOM 294 C C4     . DT A 1 10 ? 9.756   -3.763  6.438   1.00 0.53 ? 10 DT A C4     1 
ATOM 295 O O4     . DT A 1 10 ? 9.983   -2.746  5.793   1.00 0.54 ? 10 DT A O4     1 
ATOM 296 C C5     . DT A 1 10 ? 10.028  -3.929  7.843   1.00 0.59 ? 10 DT A C5     1 
ATOM 297 C C7     . DT A 1 10 ? 10.687  -2.809  8.579   1.00 0.65 ? 10 DT A C7     1 
ATOM 298 C C6     . DT A 1 10 ? 9.711   -5.096  8.420   1.00 0.66 ? 10 DT A C6     1 
ATOM 299 H "H5'"  . DT A 1 10 ? 7.034   -5.815  10.699  1.00 1.54 ? 10 DT A "H5'"  1 
ATOM 300 H "H5''" . DT A 1 10 ? 6.527   -6.960  11.959  1.00 1.62 ? 10 DT A "H5''" 1 
ATOM 301 H "H4'"  . DT A 1 10 ? 6.822   -8.588  10.513  1.00 1.27 ? 10 DT A "H4'"  1 
ATOM 302 H "H3'"  . DT A 1 10 ? 9.310   -8.469  11.508  1.00 1.33 ? 10 DT A "H3'"  1 
ATOM 303 H "H2'"  . DT A 1 10 ? 10.308  -6.957  9.944   1.00 0.94 ? 10 DT A "H2'"  1 
ATOM 304 H "H2''" . DT A 1 10 ? 10.613  -8.474  9.117   1.00 1.01 ? 10 DT A "H2''" 1 
ATOM 305 H "H1'"  . DT A 1 10 ? 8.806   -8.213  7.628   1.00 0.81 ? 10 DT A "H1'"  1 
ATOM 306 H H3     . DT A 1 10 ? 8.976   -4.676  4.848   1.00 0.53 ? 10 DT A H3     1 
ATOM 307 H H71    . DT A 1 10 ? 11.726  -2.728  8.261   1.00 1.25 ? 10 DT A H71    1 
ATOM 308 H H72    . DT A 1 10 ? 10.168  -1.877  8.359   1.00 1.08 ? 10 DT A H72    1 
ATOM 309 H H73    . DT A 1 10 ? 10.650  -3.004  9.650   1.00 1.30 ? 10 DT A H73    1 
ATOM 310 H H6     . DT A 1 10 ? 9.886   -5.210  9.490   1.00 0.76 ? 10 DT A H6     1 
ATOM 311 P P      . DC A 1 11 ? 9.580   -11.059 10.974  1.00 1.51 ? 11 DC A P      1 
ATOM 312 O OP1    . DC A 1 11 ? 8.601   -12.111 11.348  1.00 2.12 ? 11 DC A OP1    1 
ATOM 313 O OP2    . DC A 1 11 ? 10.375  -10.388 12.035  1.00 2.21 ? 11 DC A OP2    1 
ATOM 314 O "O5'"  . DC A 1 11 ? 10.595  -11.681 9.918   1.00 1.50 ? 11 DC A "O5'"  1 
ATOM 315 C "C5'"  . DC A 1 11 ? 11.259  -10.846 8.972   1.00 1.62 ? 11 DC A "C5'"  1 
ATOM 316 C "C4'"  . DC A 1 11 ? 12.119  -11.673 8.048   1.00 1.60 ? 11 DC A "C4'"  1 
ATOM 317 O "O4'"  . DC A 1 11 ? 12.291  -10.950 6.811   1.00 1.45 ? 11 DC A "O4'"  1 
ATOM 318 C "C3'"  . DC A 1 11 ? 13.533  -11.941 8.552   1.00 1.69 ? 11 DC A "C3'"  1 
ATOM 319 O "O3'"  . DC A 1 11 ? 14.038  -13.162 7.997   1.00 1.88 ? 11 DC A "O3'"  1 
ATOM 320 C "C2'"  . DC A 1 11 ? 14.315  -10.742 8.043   1.00 1.51 ? 11 DC A "C2'"  1 
ATOM 321 C "C1'"  . DC A 1 11 ? 13.517  -10.234 6.842   1.00 1.33 ? 11 DC A "C1'"  1 
ATOM 322 N N1     . DC A 1 11 ? 13.206  -8.798  6.895   1.00 1.11 ? 11 DC A N1     1 
ATOM 323 C C2     . DC A 1 11 ? 12.994  -8.104  5.701   1.00 0.95 ? 11 DC A C2     1 
ATOM 324 O O2     . DC A 1 11 ? 13.039  -8.723  4.629   1.00 1.01 ? 11 DC A O2     1 
ATOM 325 N N3     . DC A 1 11 ? 12.745  -6.777  5.745   1.00 0.78 ? 11 DC A N3     1 
ATOM 326 C C4     . DC A 1 11 ? 12.699  -6.148  6.919   1.00 0.78 ? 11 DC A C4     1 
ATOM 327 N N4     . DC A 1 11 ? 12.440  -4.841  6.910   1.00 0.69 ? 11 DC A N4     1 
ATOM 328 C C5     . DC A 1 11 ? 12.909  -6.833  8.151   1.00 0.94 ? 11 DC A C5     1 
ATOM 329 C C6     . DC A 1 11 ? 13.145  -8.142  8.093   1.00 1.10 ? 11 DC A C6     1 
ATOM 330 H "H5'"  . DC A 1 11 ? 11.888  -10.129 9.498   1.00 2.09 ? 11 DC A "H5'"  1 
ATOM 331 H "H5''" . DC A 1 11 ? 10.520  -10.305 8.379   1.00 2.04 ? 11 DC A "H5''" 1 
ATOM 332 H "H4'"  . DC A 1 11 ? 11.637  -12.643 7.919   1.00 1.73 ? 11 DC A "H4'"  1 
ATOM 333 H "H3'"  . DC A 1 11 ? 13.555  -12.002 9.639   1.00 1.81 ? 11 DC A "H3'"  1 
ATOM 334 H "H2'"  . DC A 1 11 ? 14.426  -9.989  8.816   1.00 1.47 ? 11 DC A "H2'"  1 
ATOM 335 H "H2''" . DC A 1 11 ? 15.312  -11.022 7.724   1.00 1.60 ? 11 DC A "H2''" 1 
ATOM 336 H "H1'"  . DC A 1 11 ? 14.049  -10.436 5.912   1.00 1.37 ? 11 DC A "H1'"  1 
ATOM 337 H H41    . DC A 1 11 ? 12.302  -4.360  6.036   1.00 0.64 ? 11 DC A H41    1 
ATOM 338 H H42    . DC A 1 11 ? 12.386  -4.317  7.766   1.00 0.74 ? 11 DC A H42    1 
ATOM 339 H H5     . DC A 1 11 ? 12.890  -6.311  9.104   1.00 0.98 ? 11 DC A H5     1 
ATOM 340 H H6     . DC A 1 11 ? 13.283  -8.698  9.018   1.00 1.25 ? 11 DC A H6     1 
ATOM 341 P P      . DC A 1 12 ? 15.561  -13.603 8.277   1.00 2.19 ? 12 DC A P      1 
ATOM 342 O OP1    . DC A 1 12 ? 15.639  -15.083 8.189   1.00 2.73 ? 12 DC A OP1    1 
ATOM 343 O OP2    . DC A 1 12 ? 16.013  -12.917 9.515   1.00 2.65 ? 12 DC A OP2    1 
ATOM 344 O "O5'"  . DC A 1 12 ? 16.373  -12.988 7.050   1.00 2.11 ? 12 DC A "O5'"  1 
ATOM 345 C "C5'"  . DC A 1 12 ? 15.768  -12.852 5.762   1.00 1.72 ? 12 DC A "C5'"  1 
ATOM 346 C "C4'"  . DC A 1 12 ? 16.822  -12.852 4.679   1.00 1.82 ? 12 DC A "C4'"  1 
ATOM 347 O "O4'"  . DC A 1 12 ? 16.806  -11.568 4.018   1.00 1.68 ? 12 DC A "O4'"  1 
ATOM 348 C "C3'"  . DC A 1 12 ? 18.259  -13.073 5.155   1.00 2.00 ? 12 DC A "C3'"  1 
ATOM 349 O "O3'"  . DC A 1 12 ? 18.937  -13.973 4.277   1.00 2.18 ? 12 DC A "O3'"  1 
ATOM 350 C "C2'"  . DC A 1 12 ? 18.913  -11.701 5.092   1.00 1.94 ? 12 DC A "C2'"  1 
ATOM 351 C "C1'"  . DC A 1 12 ? 17.908  -10.778 4.422   1.00 1.72 ? 12 DC A "C1'"  1 
ATOM 352 N N1     . DC A 1 12 ? 17.403  -9.699  5.289   1.00 1.54 ? 12 DC A N1     1 
ATOM 353 C C2     . DC A 1 12 ? 17.036  -8.478  4.709   1.00 1.36 ? 12 DC A C2     1 
ATOM 354 O O2     . DC A 1 12 ? 17.132  -8.343  3.480   1.00 1.38 ? 12 DC A O2     1 
ATOM 355 N N3     . DC A 1 12 ? 16.588  -7.479  5.503   1.00 1.23 ? 12 DC A N3     1 
ATOM 356 C C4     . DC A 1 12 ? 16.504  -7.662  6.822   1.00 1.26 ? 12 DC A C4     1 
ATOM 357 N N4     . DC A 1 12 ? 16.064  -6.647  7.566   1.00 1.17 ? 12 DC A N4     1 
ATOM 358 C C5     . DC A 1 12 ? 16.868  -8.894  7.438   1.00 1.44 ? 12 DC A C5     1 
ATOM 359 C C6     . DC A 1 12 ? 17.301  -9.878  6.639   1.00 1.57 ? 12 DC A C6     1 
ATOM 360 H "H5'"  . DC A 1 12 ? 15.213  -11.916 5.716   1.00 1.88 ? 12 DC A "H5'"  1 
ATOM 361 H "H5''" . DC A 1 12 ? 15.082  -13.681 5.590   1.00 2.02 ? 12 DC A "H5''" 1 
ATOM 362 H "H4'"  . DC A 1 12 ? 16.592  -13.678 4.005   1.00 1.91 ? 12 DC A "H4'"  1 
ATOM 363 H "H3'"  . DC A 1 12 ? 18.277  -13.484 6.163   1.00 2.06 ? 12 DC A "H3'"  1 
ATOM 364 H "HO3'" . DC A 1 12 ? 18.342  -14.708 4.106   1.00 2.23 ? 12 DC A "HO3'" 1 
ATOM 365 H "H2'"  . DC A 1 12 ? 19.197  -11.348 6.080   1.00 1.95 ? 12 DC A "H2'"  1 
ATOM 366 H "H2''" . DC A 1 12 ? 19.814  -11.719 4.482   1.00 2.05 ? 12 DC A "H2''" 1 
ATOM 367 H "H1'"  . DC A 1 12 ? 18.340  -10.326 3.532   1.00 1.76 ? 12 DC A "H1'"  1 
ATOM 368 H H41    . DC A 1 12 ? 15.805  -5.774  7.129   1.00 1.08 ? 12 DC A H41    1 
ATOM 369 H H42    . DC A 1 12 ? 15.988  -6.751  8.568   1.00 1.23 ? 12 DC A H42    1 
ATOM 370 H H5     . DC A 1 12 ? 16.807  -9.027  8.517   1.00 1.50 ? 12 DC A H5     1 
ATOM 371 H H6     . DC A 1 12 ? 17.567  -10.840 7.074   1.00 1.72 ? 12 DC A H6     1 
ATOM 372 O "O5'"  . DG B 2 1  ? 18.109  0.655   -1.608  1.00 1.97 ? 13 DG B "O5'"  1 
ATOM 373 C "C5'"  . DG B 2 1  ? 17.502  0.421   -0.333  1.00 1.75 ? 13 DG B "C5'"  1 
ATOM 374 C "C4'"  . DG B 2 1  ? 16.224  -0.368  -0.486  1.00 1.56 ? 13 DG B "C4'"  1 
ATOM 375 O "O4'"  . DG B 2 1  ? 16.115  -1.302  0.621   1.00 1.38 ? 13 DG B "O4'"  1 
ATOM 376 C "C3'"  . DG B 2 1  ? 14.942  0.472   -0.452  1.00 1.56 ? 13 DG B "C3'"  1 
ATOM 377 O "O3'"  . DG B 2 1  ? 13.999  0.009   -1.425  1.00 1.52 ? 13 DG B "O3'"  1 
ATOM 378 C "C2'"  . DG B 2 1  ? 14.414  0.231   0.949   1.00 1.39 ? 13 DG B "C2'"  1 
ATOM 379 C "C1'"  . DG B 2 1  ? 14.808  -1.212  1.148   1.00 1.22 ? 13 DG B "C1'"  1 
ATOM 380 N N9     . DG B 2 1  ? 14.829  -1.676  2.533   1.00 1.10 ? 13 DG B N9     1 
ATOM 381 C C8     . DG B 2 1  ? 14.432  -0.977  3.647   1.00 1.10 ? 13 DG B C8     1 
ATOM 382 N N7     . DG B 2 1  ? 14.566  -1.653  4.754   1.00 1.02 ? 13 DG B N7     1 
ATOM 383 C C5     . DG B 2 1  ? 15.069  -2.881  4.348   1.00 0.97 ? 13 DG B C5     1 
ATOM 384 C C6     . DG B 2 1  ? 15.405  -4.034  5.105   1.00 0.96 ? 13 DG B C6     1 
ATOM 385 O O6     . DG B 2 1  ? 15.327  -4.203  6.327   1.00 0.97 ? 13 DG B O6     1 
ATOM 386 N N1     . DG B 2 1  ? 15.874  -5.060  4.293   1.00 1.02 ? 13 DG B N1     1 
ATOM 387 C C2     . DG B 2 1  ? 16.006  -4.988  2.929   1.00 1.07 ? 13 DG B C2     1 
ATOM 388 N N2     . DG B 2 1  ? 16.475  -6.084  2.322   1.00 1.19 ? 13 DG B N2     1 
ATOM 389 N N3     . DG B 2 1  ? 15.699  -3.922  2.211   1.00 1.07 ? 13 DG B N3     1 
ATOM 390 C C4     . DG B 2 1  ? 15.240  -2.912  2.980   1.00 1.02 ? 13 DG B C4     1 
ATOM 391 H "H5'"  . DG B 2 1  ? 17.276  1.375   0.143   1.00 1.85 ? 13 DG B "H5'"  1 
ATOM 392 H "H5''" . DG B 2 1  ? 18.187  -0.137  0.302   1.00 1.83 ? 13 DG B "H5''" 1 
ATOM 393 H "H4'"  . DG B 2 1  ? 16.255  -0.858  -1.460  1.00 1.59 ? 13 DG B "H4'"  1 
ATOM 394 H "H3'"  . DG B 2 1  ? 15.158  1.527   -0.632  1.00 1.73 ? 13 DG B "H3'"  1 
ATOM 395 H "H2'"  . DG B 2 1  ? 14.897  0.890   1.659   1.00 1.48 ? 13 DG B "H2'"  1 
ATOM 396 H "H2''" . DG B 2 1  ? 13.347  0.413   1.017   1.00 1.36 ? 13 DG B "H2''" 1 
ATOM 397 H "H1'"  . DG B 2 1  ? 14.169  -1.874  0.565   1.00 1.14 ? 13 DG B "H1'"  1 
ATOM 398 H H8     . DG B 2 1  ? 14.023  0.021   3.607   1.00 1.21 ? 13 DG B H8     1 
ATOM 399 H H1     . DG B 2 1  ? 16.132  -5.923  4.752   1.00 1.08 ? 13 DG B H1     1 
ATOM 400 H H21    . DG B 2 1  ? 16.712  -6.911  2.857   1.00 1.24 ? 13 DG B H21    1 
ATOM 401 H H22    . DG B 2 1  ? 16.590  -6.082  1.319   1.00 1.25 ? 13 DG B H22    1 
ATOM 402 H "HO5'" . DG B 2 1  ? 17.398  0.775   -2.244  1.00 2.02 ? 13 DG B "HO5'" 1 
ATOM 403 P P      . DG B 2 2  ? 14.260  0.279   -2.989  1.00 1.76 ? 14 DG B P      1 
ATOM 404 O OP1    . DG B 2 2  ? 15.564  0.977   -3.137  1.00 1.91 ? 14 DG B OP1    1 
ATOM 405 O OP2    . DG B 2 2  ? 13.031  0.899   -3.545  1.00 1.91 ? 14 DG B OP2    1 
ATOM 406 O "O5'"  . DG B 2 2  ? 14.405  -1.180  -3.611  1.00 1.68 ? 14 DG B "O5'"  1 
ATOM 407 C "C5'"  . DG B 2 2  ? 14.637  -2.316  -2.776  1.00 1.46 ? 14 DG B "C5'"  1 
ATOM 408 C "C4'"  . DG B 2 2  ? 13.540  -3.338  -2.963  1.00 1.31 ? 14 DG B "C4'"  1 
ATOM 409 O "O4'"  . DG B 2 2  ? 13.243  -3.935  -1.678  1.00 1.14 ? 14 DG B "O4'"  1 
ATOM 410 C "C3'"  . DG B 2 2  ? 12.215  -2.792  -3.484  1.00 1.31 ? 14 DG B "C3'"  1 
ATOM 411 O "O3'"  . DG B 2 2  ? 11.594  -3.792  -4.310  1.00 1.33 ? 14 DG B "O3'"  1 
ATOM 412 C "C2'"  . DG B 2 2  ? 11.451  -2.502  -2.205  1.00 1.19 ? 14 DG B "C2'"  1 
ATOM 413 C "C1'"  . DG B 2 2  ? 11.927  -3.597  -1.270  1.00 1.03 ? 14 DG B "C1'"  1 
ATOM 414 N N9     . DG B 2 2  ? 11.980  -3.199  0.134   1.00 0.91 ? 14 DG B N9     1 
ATOM 415 C C8     . DG B 2 2  ? 11.916  -1.922  0.632   1.00 0.97 ? 14 DG B C8     1 
ATOM 416 N N7     . DG B 2 2  ? 11.956  -1.876  1.935   1.00 0.88 ? 14 DG B N7     1 
ATOM 417 C C5     . DG B 2 2  ? 12.075  -3.204  2.320   1.00 0.74 ? 14 DG B C5     1 
ATOM 418 C C6     . DG B 2 2  ? 12.180  -3.777  3.610   1.00 0.65 ? 14 DG B C6     1 
ATOM 419 O O6     . DG B 2 2  ? 12.195  -3.206  4.705   1.00 0.66 ? 14 DG B O6     1 
ATOM 420 N N1     . DG B 2 2  ? 12.280  -5.162  3.552   1.00 0.64 ? 14 DG B N1     1 
ATOM 421 C C2     . DG B 2 2  ? 12.295  -5.904  2.389   1.00 0.71 ? 14 DG B C2     1 
ATOM 422 N N2     . DG B 2 2  ? 12.406  -7.241  2.505   1.00 0.80 ? 14 DG B N2     1 
ATOM 423 N N3     . DG B 2 2  ? 12.207  -5.377  1.180   1.00 0.77 ? 14 DG B N3     1 
ATOM 424 C C4     . DG B 2 2  ? 12.097  -4.033  1.220   1.00 0.78 ? 14 DG B C4     1 
ATOM 425 H "H5'"  . DG B 2 2  ? 14.658  -2.006  -1.732  1.00 1.33 ? 14 DG B "H5'"  1 
ATOM 426 H "H5''" . DG B 2 2  ? 15.593  -2.769  -3.032  1.00 1.59 ? 14 DG B "H5''" 1 
ATOM 427 H "H4'"  . DG B 2 2  ? 13.884  -4.063  -3.698  1.00 1.39 ? 14 DG B "H4'"  1 
ATOM 428 H "H3'"  . DG B 2 2  ? 12.370  -1.888  -4.072  1.00 1.43 ? 14 DG B "H3'"  1 
ATOM 429 H "H2'"  . DG B 2 2  ? 11.682  -1.508  -1.828  1.00 1.26 ? 14 DG B "H2'"  1 
ATOM 430 H "H2''" . DG B 2 2  ? 10.381  -2.548  -2.362  1.00 1.25 ? 14 DG B "H2''" 1 
ATOM 431 H "H1'"  . DG B 2 2  ? 11.305  -4.490  -1.358  1.00 1.00 ? 14 DG B "H1'"  1 
ATOM 432 H H8     . DG B 2 2  ? 11.869  -1.042  0.009   1.00 1.12 ? 14 DG B H8     1 
ATOM 433 H H1     . DG B 2 2  ? 12.329  -5.597  4.465   1.00 0.64 ? 14 DG B H1     1 
ATOM 434 H H21    . DG B 2 2  ? 12.486  -7.739  3.382   1.00 0.83 ? 14 DG B H21    1 
ATOM 435 H H22    . DG B 2 2  ? 12.416  -7.780  1.651   1.00 0.89 ? 14 DG B H22    1 
ATOM 436 P P      . DA B 2 3  ? 9.994   -3.838  -4.477  1.00 1.74 ? 15 DA B P      1 
ATOM 437 O OP1    . DA B 2 3  ? 9.705   -4.481  -5.784  1.00 2.24 ? 15 DA B OP1    1 
ATOM 438 O OP2    . DA B 2 3  ? 9.440   -2.489  -4.192  1.00 2.40 ? 15 DA B OP2    1 
ATOM 439 O "O5'"  . DA B 2 3  ? 9.532   -4.839  -3.325  1.00 1.66 ? 15 DA B "O5'"  1 
ATOM 440 C "C5'"  . DA B 2 3  ? 9.530   -6.254  -3.539  1.00 1.29 ? 15 DA B "C5'"  1 
ATOM 441 C "C4'"  . DA B 2 3  ? 8.151   -6.820  -3.290  1.00 1.20 ? 15 DA B "C4'"  1 
ATOM 442 O "O4'"  . DA B 2 3  ? 7.851   -6.690  -1.887  1.00 1.09 ? 15 DA B "O4'"  1 
ATOM 443 C "C3'"  . DA B 2 3  ? 7.021   -6.060  -3.977  1.00 1.27 ? 15 DA B "C3'"  1 
ATOM 444 O "O3'"  . DA B 2 3  ? 5.765   -6.761  -3.950  1.00 1.39 ? 15 DA B "O3'"  1 
ATOM 445 C "C2'"  . DA B 2 3  ? 6.908   -4.856  -3.071  1.00 1.17 ? 15 DA B "C2'"  1 
ATOM 446 C "C1'"  . DA B 2 3  ? 7.065   -5.517  -1.701  1.00 1.03 ? 15 DA B "C1'"  1 
ATOM 447 N N9     . DA B 2 3  ? 7.742   -4.681  -0.721  1.00 0.91 ? 15 DA B N9     1 
ATOM 448 C C8     . DA B 2 3  ? 8.274   -3.445  -0.936  1.00 0.93 ? 15 DA B C8     1 
ATOM 449 N N7     . DA B 2 3  ? 8.796   -2.898  0.139   1.00 0.85 ? 15 DA B N7     1 
ATOM 450 C C5     . DA B 2 3  ? 8.605   -3.860  1.123   1.00 0.73 ? 15 DA B C5     1 
ATOM 451 C C6     . DA B 2 3  ? 8.937   -3.911  2.492   1.00 0.62 ? 15 DA B C6     1 
ATOM 452 N N6     . DA B 2 3  ? 9.561   -2.938  3.152   1.00 0.62 ? 15 DA B N6     1 
ATOM 453 N N1     . DA B 2 3  ? 8.600   -5.021  3.174   1.00 0.59 ? 15 DA B N1     1 
ATOM 454 C C2     . DA B 2 3  ? 7.984   -6.015  2.527   1.00 0.67 ? 15 DA B C2     1 
ATOM 455 N N3     . DA B 2 3  ? 7.625   -6.090  1.254   1.00 0.76 ? 15 DA B N3     1 
ATOM 456 C C4     . DA B 2 3  ? 7.965   -4.967  0.601   1.00 0.78 ? 15 DA B C4     1 
ATOM 457 H "H5'"  . DA B 2 3  ? 10.238  -6.728  -2.859  1.00 1.59 ? 15 DA B "H5'"  1 
ATOM 458 H "H5''" . DA B 2 3  ? 9.821   -6.466  -4.563  1.00 1.64 ? 15 DA B "H5''" 1 
ATOM 459 H "H4'"  . DA B 2 3  ? 8.134   -7.845  -3.647  1.00 1.29 ? 15 DA B "H4'"  1 
ATOM 460 H "H3'"  . DA B 2 3  ? 7.278   -5.787  -4.998  1.00 1.37 ? 15 DA B "H3'"  1 
ATOM 461 H "H2'"  . DA B 2 3  ? 7.700   -4.140  -3.276  1.00 1.16 ? 15 DA B "H2'"  1 
ATOM 462 H "H2''" . DA B 2 3  ? 5.964   -4.339  -3.215  1.00 1.27 ? 15 DA B "H2''" 1 
ATOM 463 H "H1'"  . DA B 2 3  ? 6.101   -5.818  -1.296  1.00 1.07 ? 15 DA B "H1'"  1 
ATOM 464 H H8     . DA B 2 3  ? 8.275   -2.975  -1.910  1.00 1.05 ? 15 DA B H8     1 
ATOM 465 H H61    . DA B 2 3  ? 9.828   -3.084  4.119   1.00 0.57 ? 15 DA B H61    1 
ATOM 466 H H62    . DA B 2 3  ? 9.827   -2.091  2.682   1.00 0.70 ? 15 DA B H62    1 
ATOM 467 H H2     . DA B 2 3  ? 7.744   -6.889  3.132   1.00 0.70 ? 15 DA B H2     1 
ATOM 468 P P      . DG B 2 4  ? 5.646   -8.265  -4.516  1.00 1.29 ? 16 DG B P      1 
ATOM 469 O OP1    . DG B 2 4  ? 6.957   -8.734  -5.031  1.00 1.48 ? 16 DG B OP1    1 
ATOM 470 O OP2    . DG B 2 4  ? 4.466   -8.277  -5.417  1.00 1.55 ? 16 DG B OP2    1 
ATOM 471 O "O5'"  . DG B 2 4  ? 5.266   -9.121  -3.224  1.00 1.20 ? 16 DG B "O5'"  1 
ATOM 472 C "C5'"  . DG B 2 4  ? 5.501   -8.618  -1.902  1.00 1.06 ? 16 DG B "C5'"  1 
ATOM 473 C "C4'"  . DG B 2 4  ? 4.203   -8.178  -1.264  1.00 0.96 ? 16 DG B "C4'"  1 
ATOM 474 O "O4'"  . DG B 2 4  ? 4.494   -7.136  -0.294  1.00 0.88 ? 16 DG B "O4'"  1 
ATOM 475 C "C3'"  . DG B 2 4  ? 3.173   -7.575  -2.224  1.00 1.06 ? 16 DG B "C3'"  1 
ATOM 476 O "O3'"  . DG B 2 4  ? 1.843   -7.941  -1.848  1.00 1.12 ? 16 DG B "O3'"  1 
ATOM 477 C "C2'"  . DG B 2 4  ? 3.371   -6.083  -2.039  1.00 1.05 ? 16 DG B "C2'"  1 
ATOM 478 C "C1'"  . DG B 2 4  ? 3.664   -6.017  -0.552  1.00 0.92 ? 16 DG B "C1'"  1 
ATOM 479 N N9     . DG B 2 4  ? 4.359   -4.811  -0.100  1.00 0.88 ? 16 DG B N9     1 
ATOM 480 C C8     . DG B 2 4  ? 4.687   -3.713  -0.860  1.00 0.98 ? 16 DG B C8     1 
ATOM 481 N N7     . DG B 2 4  ? 5.329   -2.796  -0.194  1.00 0.93 ? 16 DG B N7     1 
ATOM 482 C C5     . DG B 2 4  ? 5.416   -3.306  1.094   1.00 0.79 ? 16 DG B C5     1 
ATOM 483 C C6     . DG B 2 4  ? 5.988   -2.740  2.256   1.00 0.71 ? 16 DG B C6     1 
ATOM 484 O O6     . DG B 2 4  ? 6.551   -1.650  2.375   1.00 0.74 ? 16 DG B O6     1 
ATOM 485 N N1     . DG B 2 4  ? 5.856   -3.580  3.359   1.00 0.61 ? 16 DG B N1     1 
ATOM 486 C C2     . DG B 2 4  ? 5.243   -4.814  3.339   1.00 0.61 ? 16 DG B C2     1 
ATOM 487 N N2     . DG B 2 4  ? 5.218   -5.501  4.498   1.00 0.57 ? 16 DG B N2     1 
ATOM 488 N N3     . DG B 2 4  ? 4.692   -5.347  2.255   1.00 0.69 ? 16 DG B N3     1 
ATOM 489 C C4     . DG B 2 4  ? 4.818   -4.545  1.175   1.00 0.77 ? 16 DG B C4     1 
ATOM 490 H "H5'"  . DG B 2 4  ? 6.179   -7.768  -1.948  1.00 1.04 ? 16 DG B "H5'"  1 
ATOM 491 H "H5''" . DG B 2 4  ? 5.952   -9.399  -1.290  1.00 1.16 ? 16 DG B "H5''" 1 
ATOM 492 H "H4'"  . DG B 2 4  ? 3.739   -9.059  -0.819  1.00 0.99 ? 16 DG B "H4'"  1 
ATOM 493 H "H3'"  . DG B 2 4  ? 3.358   -7.887  -3.251  1.00 1.14 ? 16 DG B "H3'"  1 
ATOM 494 H "H2'"  . DG B 2 4  ? 4.204   -5.726  -2.643  1.00 1.08 ? 16 DG B "H2'"  1 
ATOM 495 H "H2''" . DG B 2 4  ? 2.485   -5.524  -2.340  1.00 1.15 ? 16 DG B "H2''" 1 
ATOM 496 H "H1'"  . DG B 2 4  ? 2.751   -6.139  0.032   1.00 0.93 ? 16 DG B "H1'"  1 
ATOM 497 H H8     . DG B 2 4  ? 4.417   -3.603  -1.898  1.00 1.11 ? 16 DG B H8     1 
ATOM 498 H H1     . DG B 2 4  ? 6.256   -3.229  4.224   1.00 0.57 ? 16 DG B H1     1 
ATOM 499 H H21    . DG B 2 4  ? 5.602   -5.173  5.375   1.00 0.55 ? 16 DG B H21    1 
ATOM 500 H H22    . DG B 2 4  ? 4.778   -6.406  4.494   1.00 0.61 ? 16 DG B H22    1 
ATOM 501 P P      . DG B 2 5  ? 1.258   -9.379  -2.266  1.00 1.09 ? 17 DG B P      1 
ATOM 502 O OP1    . DG B 2 5  ? 2.353   -10.193 -2.852  1.00 1.42 ? 17 DG B OP1    1 
ATOM 503 O OP2    . DG B 2 5  ? 0.023   -9.134  -3.054  1.00 1.29 ? 17 DG B OP2    1 
ATOM 504 O "O5'"  . DG B 2 5  ? 0.836   -10.031 -0.875  1.00 1.14 ? 17 DG B "O5'"  1 
ATOM 505 C "C5'"  . DG B 2 5  ? 1.249   -9.445  0.361   1.00 1.01 ? 17 DG B "C5'"  1 
ATOM 506 C "C4'"  . DG B 2 5  ? 0.154   -9.564  1.393   1.00 1.01 ? 17 DG B "C4'"  1 
ATOM 507 O "O4'"  . DG B 2 5  ? 0.288   -8.472  2.325   1.00 0.98 ? 17 DG B "O4'"  1 
ATOM 508 C "C3'"  . DG B 2 5  ? -1.272  -9.452  0.864   1.00 1.06 ? 17 DG B "C3'"  1 
ATOM 509 O "O3'"  . DG B 2 5  ? -2.183  -10.114 1.751   1.00 1.12 ? 17 DG B "O3'"  1 
ATOM 510 C "C2'"  . DG B 2 5  ? -1.505  -7.952  0.850   1.00 1.06 ? 17 DG B "C2'"  1 
ATOM 511 C "C1'"  . DG B 2 5  ? -0.598  -7.424  1.961   1.00 0.96 ? 17 DG B "C1'"  1 
ATOM 512 N N9     . DG B 2 5  ? 0.208   -6.271  1.577   1.00 0.90 ? 17 DG B N9     1 
ATOM 513 C C8     . DG B 2 5  ? 0.476   -5.837  0.301   1.00 0.92 ? 17 DG B C8     1 
ATOM 514 N N7     . DG B 2 5  ? 1.206   -4.758  0.268   1.00 0.88 ? 17 DG B N7     1 
ATOM 515 C C5     . DG B 2 5  ? 1.441   -4.462  1.604   1.00 0.82 ? 17 DG B C5     1 
ATOM 516 C C6     . DG B 2 5  ? 2.171   -3.404  2.191   1.00 0.77 ? 17 DG B C6     1 
ATOM 517 O O6     . DG B 2 5  ? 2.766   -2.480  1.631   1.00 0.77 ? 17 DG B O6     1 
ATOM 518 N N1     . DG B 2 5  ? 2.168   -3.484  3.579   1.00 0.74 ? 17 DG B N1     1 
ATOM 519 C C2     . DG B 2 5  ? 1.536   -4.460  4.308   1.00 0.76 ? 17 DG B C2     1 
ATOM 520 N N2     . DG B 2 5  ? 1.648   -4.370  5.640   1.00 0.76 ? 17 DG B N2     1 
ATOM 521 N N3     . DG B 2 5  ? 0.845   -5.453  3.773   1.00 0.81 ? 17 DG B N3     1 
ATOM 522 C C4     . DG B 2 5  ? 0.840   -5.392  2.424   1.00 0.83 ? 17 DG B C4     1 
ATOM 523 H "H5'"  . DG B 2 5  ? 1.477   -8.389  0.210   1.00 0.96 ? 17 DG B "H5'"  1 
ATOM 524 H "H5''" . DG B 2 5  ? 2.140   -9.953  0.728   1.00 1.06 ? 17 DG B "H5''" 1 
ATOM 525 H "H4'"  . DG B 2 5  ? 0.241   -10.540 1.861   1.00 1.04 ? 17 DG B "H4'"  1 
ATOM 526 H "H3'"  . DG B 2 5  ? -1.358  -9.888  -0.132  1.00 1.10 ? 17 DG B "H3'"  1 
ATOM 527 H "H2'"  . DG B 2 5  ? -1.262  -7.523  -0.121  1.00 1.10 ? 17 DG B "H2'"  1 
ATOM 528 H "H2''" . DG B 2 5  ? -2.545  -7.711  1.062   1.00 1.13 ? 17 DG B "H2''" 1 
ATOM 529 H "H1'"  . DG B 2 5  ? -1.179  -7.158  2.843   1.00 0.96 ? 17 DG B "H1'"  1 
ATOM 530 H H8     . DG B 2 5  ? 0.118   -6.338  -0.585  1.00 0.98 ? 17 DG B H8     1 
ATOM 531 H H1     . DG B 2 5  ? 2.668   -2.768  4.090   1.00 0.71 ? 17 DG B H1     1 
ATOM 532 H H21    . DG B 2 5  ? 2.176   -3.619  6.066   1.00 0.74 ? 17 DG B H21    1 
ATOM 533 H H22    . DG B 2 5  ? 1.199   -5.067  6.215   1.00 0.79 ? 17 DG B H22    1 
ATOM 534 P P      . DC B 2 6  ? -3.761  -9.803  1.662   1.00 1.59 ? 18 DC B P      1 
ATOM 535 O OP1    . DC B 2 6  ? -4.479  -10.850 2.430   1.00 2.17 ? 18 DC B OP1    1 
ATOM 536 O OP2    . DC B 2 6  ? -4.102  -9.579  0.234   1.00 2.32 ? 18 DC B OP2    1 
ATOM 537 O "O5'"  . DC B 2 6  ? -3.926  -8.419  2.436   1.00 1.37 ? 18 DC B "O5'"  1 
ATOM 538 C "C5'"  . DC B 2 6  ? -3.601  -8.312  3.824   1.00 1.12 ? 18 DC B "C5'"  1 
ATOM 539 C "C4'"  . DC B 2 6  ? -4.051  -6.976  4.370   1.00 1.09 ? 18 DC B "C4'"  1 
ATOM 540 O "O4'"  . DC B 2 6  ? -3.088  -5.966  3.972   1.00 1.01 ? 18 DC B "O4'"  1 
ATOM 541 C "C3'"  . DC B 2 6  ? -5.412  -6.490  3.862   1.00 1.18 ? 18 DC B "C3'"  1 
ATOM 542 O "O3'"  . DC B 2 6  ? -6.216  -5.898  4.909   1.00 1.34 ? 18 DC B "O3'"  1 
ATOM 543 C "C2'"  . DC B 2 6  ? -5.048  -5.471  2.797   1.00 1.12 ? 18 DC B "C2'"  1 
ATOM 544 C "C1'"  . DC B 2 6  ? -3.753  -4.896  3.322   1.00 1.04 ? 18 DC B "C1'"  1 
ATOM 545 N N1     . DC B 2 6  ? -2.867  -4.371  2.276   1.00 0.97 ? 18 DC B N1     1 
ATOM 546 C C2     . DC B 2 6  ? -2.086  -3.245  2.545   1.00 0.91 ? 18 DC B C2     1 
ATOM 547 O O2     . DC B 2 6  ? -2.154  -2.720  3.665   1.00 0.91 ? 18 DC B O2     1 
ATOM 548 N N3     . DC B 2 6  ? -1.276  -2.757  1.578   1.00 0.87 ? 18 DC B N3     1 
ATOM 549 C C4     . DC B 2 6  ? -1.225  -3.359  0.388   1.00 0.90 ? 18 DC B C4     1 
ATOM 550 N N4     . DC B 2 6  ? -0.417  -2.837  -0.535  1.00 0.89 ? 18 DC B N4     1 
ATOM 551 C C5     . DC B 2 6  ? -2.003  -4.518  0.096   1.00 0.95 ? 18 DC B C5     1 
ATOM 552 C C6     . DC B 2 6  ? -2.809  -4.974  1.056   1.00 0.98 ? 18 DC B C6     1 
ATOM 553 H "H5'"  . DC B 2 6  ? -2.524  -8.406  3.956   1.00 1.61 ? 18 DC B "H5'"  1 
ATOM 554 H "H5''" . DC B 2 6  ? -4.099  -9.109  4.379   1.00 1.42 ? 18 DC B "H5''" 1 
ATOM 555 H "H4'"  . DC B 2 6  ? -4.140  -7.085  5.452   1.00 1.15 ? 18 DC B "H4'"  1 
ATOM 556 H "H3'"  . DC B 2 6  ? -5.970  -7.322  3.429   1.00 1.26 ? 18 DC B "H3'"  1 
ATOM 557 H "H2'"  . DC B 2 6  ? -4.924  -5.946  1.826   1.00 1.12 ? 18 DC B "H2'"  1 
ATOM 558 H "H2''" . DC B 2 6  ? -5.810  -4.709  2.685   1.00 1.16 ? 18 DC B "H2''" 1 
ATOM 559 H "H1'"  . DC B 2 6  ? -3.935  -4.110  4.052   1.00 1.10 ? 18 DC B "H1'"  1 
ATOM 560 H H41    . DC B 2 6  ? 0.136   -2.019  -0.319  1.00 0.86 ? 18 DC B H41    1 
ATOM 561 H H42    . DC B 2 6  ? -0.349  -3.256  -1.448  1.00 0.93 ? 18 DC B H42    1 
ATOM 562 H H5     . DC B 2 6  ? -1.930  -5.026  -0.865  1.00 0.99 ? 18 DC B H5     1 
ATOM 563 H H6     . DC B 2 6  ? -3.447  -5.834  0.855   1.00 1.04 ? 18 DC B H6     1 
ATOM 564 P P      . DC B 2 7  ? -5.554  -4.950  6.042   1.00 1.16 ? 19 DC B P      1 
ATOM 565 O OP1    . DC B 2 7  ? -4.091  -5.161  6.153   1.00 1.65 ? 19 DC B OP1    1 
ATOM 566 O OP2    . DC B 2 7  ? -6.400  -5.098  7.255   1.00 1.59 ? 19 DC B OP2    1 
ATOM 567 O "O5'"  . DC B 2 7  ? -5.774  -3.471  5.494   1.00 1.28 ? 19 DC B "O5'"  1 
ATOM 568 C "C5'"  . DC B 2 7  ? -5.095  -2.361  6.091   1.00 1.07 ? 19 DC B "C5'"  1 
ATOM 569 C "C4'"  . DC B 2 7  ? -5.693  -1.059  5.611   1.00 1.02 ? 19 DC B "C4'"  1 
ATOM 570 O "O4'"  . DC B 2 7  ? -4.793  -0.479  4.634   1.00 1.00 ? 19 DC B "O4'"  1 
ATOM 571 C "C3'"  . DC B 2 7  ? -7.047  -1.188  4.907   1.00 1.08 ? 19 DC B "C3'"  1 
ATOM 572 O "O3'"  . DC B 2 7  ? -7.889  -0.053  5.158   1.00 1.25 ? 19 DC B "O3'"  1 
ATOM 573 C "C2'"  . DC B 2 7  ? -6.656  -1.214  3.444   1.00 1.11 ? 19 DC B "C2'"  1 
ATOM 574 C "C1'"  . DC B 2 7  ? -5.509  -0.222  3.442   1.00 1.05 ? 19 DC B "C1'"  1 
ATOM 575 N N1     . DC B 2 7  ? -4.564  -0.310  2.312   1.00 1.01 ? 19 DC B N1     1 
ATOM 576 C C2     . DC B 2 7  ? -3.700  0.765   2.083   1.00 0.98 ? 19 DC B C2     1 
ATOM 577 O O2     . DC B 2 7  ? -3.727  1.734   2.855   1.00 0.99 ? 19 DC B O2     1 
ATOM 578 N N3     . DC B 2 7  ? -2.860  0.724   1.027   1.00 0.96 ? 19 DC B N3     1 
ATOM 579 C C4     . DC B 2 7  ? -2.866  -0.332  0.212   1.00 0.98 ? 19 DC B C4     1 
ATOM 580 N N4     . DC B 2 7  ? -2.051  -0.307  -0.837  1.00 1.00 ? 19 DC B N4     1 
ATOM 581 C C5     . DC B 2 7  ? -3.714  -1.453  0.435   1.00 1.02 ? 19 DC B C5     1 
ATOM 582 C C6     . DC B 2 7  ? -4.532  -1.404  1.489   1.00 1.02 ? 19 DC B C6     1 
ATOM 583 H "H5'"  . DC B 2 7  ? -4.041  -2.390  5.815   1.00 1.07 ? 19 DC B "H5'"  1 
ATOM 584 H "H5''" . DC B 2 7  ? -5.184  -2.415  7.178   1.00 1.11 ? 19 DC B "H5''" 1 
ATOM 585 H "H4'"  . DC B 2 7  ? -5.846  -0.423  6.484   1.00 1.06 ? 19 DC B "H4'"  1 
ATOM 586 H "H3'"  . DC B 2 7  ? -7.566  -2.098  5.209   1.00 1.08 ? 19 DC B "H3'"  1 
ATOM 587 H "H2'"  . DC B 2 7  ? -6.342  -2.212  3.144   1.00 1.10 ? 19 DC B "H2'"  1 
ATOM 588 H "H2''" . DC B 2 7  ? -7.488  -0.918  2.800   1.00 1.29 ? 19 DC B "H2''" 1 
ATOM 589 H "H1'"  . DC B 2 7  ? -5.884  0.802   3.497   1.00 1.16 ? 19 DC B "H1'"  1 
ATOM 590 H H41    . DC B 2 7  ? -1.512  0.530   -0.995  1.00 0.98 ? 19 DC B H41    1 
ATOM 591 H H42    . DC B 2 7  ? -2.017  -1.078  -1.489  1.00 1.03 ? 19 DC B H42    1 
ATOM 592 H H5     . DC B 2 7  ? -3.694  -2.319  -0.225  1.00 1.06 ? 19 DC B H5     1 
ATOM 593 H H6     . DC B 2 7  ? -5.172  -2.258  1.698   1.00 1.05 ? 19 DC B H6     1 
ATOM 594 P P      . DT B 2 8  ? -8.343  0.303   6.660   1.00 1.04 ? 20 DT B P      1 
ATOM 595 O OP1    . DT B 2 8  ? -7.707  -0.662  7.593   1.00 1.46 ? 20 DT B OP1    1 
ATOM 596 O OP2    . DT B 2 8  ? -9.819  0.458   6.665   1.00 1.30 ? 20 DT B OP2    1 
ATOM 597 O "O5'"  . DT B 2 8  ? -7.695  1.738   6.908   1.00 1.20 ? 20 DT B "O5'"  1 
ATOM 598 C "C5'"  . DT B 2 8  ? -6.812  2.319   5.945   1.00 1.11 ? 20 DT B "C5'"  1 
ATOM 599 C "C4'"  . DT B 2 8  ? -7.563  3.283   5.056   1.00 1.06 ? 20 DT B "C4'"  1 
ATOM 600 O "O4'"  . DT B 2 8  ? -6.742  3.559   3.900   1.00 1.07 ? 20 DT B "O4'"  1 
ATOM 601 C "C3'"  . DT B 2 8  ? -8.895  2.757   4.524   1.00 1.07 ? 20 DT B "C3'"  1 
ATOM 602 O "O3'"  . DT B 2 8  ? -9.965  3.311   5.309   1.00 1.24 ? 20 DT B "O3'"  1 
ATOM 603 C "C2'"  . DT B 2 8  ? -8.940  3.237   3.079   1.00 0.97 ? 20 DT B "C2'"  1 
ATOM 604 C "C1'"  . DT B 2 8  ? -7.526  3.667   2.725   1.00 0.96 ? 20 DT B "C1'"  1 
ATOM 605 N N1     . DT B 2 8  ? -6.859  2.870   1.675   1.00 0.91 ? 20 DT B N1     1 
ATOM 606 C C2     . DT B 2 8  ? -5.809  3.457   1.011   1.00 0.89 ? 20 DT B C2     1 
ATOM 607 O O2     . DT B 2 8  ? -5.425  4.585   1.260   1.00 0.91 ? 20 DT B O2     1 
ATOM 608 N N3     . DT B 2 8  ? -5.227  2.671   0.044   1.00 0.89 ? 20 DT B N3     1 
ATOM 609 C C4     . DT B 2 8  ? -5.602  1.400   -0.326  1.00 0.91 ? 20 DT B C4     1 
ATOM 610 O O4     . DT B 2 8  ? -5.007  0.832   -1.239  1.00 0.94 ? 20 DT B O4     1 
ATOM 611 C C5     . DT B 2 8  ? -6.717  0.846   0.409   1.00 0.91 ? 20 DT B C5     1 
ATOM 612 C C7     . DT B 2 8  ? -7.278  -0.474  -0.014  1.00 0.95 ? 20 DT B C7     1 
ATOM 613 C C6     . DT B 2 8  ? -7.276  1.590   1.374   1.00 0.90 ? 20 DT B C6     1 
ATOM 614 H "H5'"  . DT B 2 8  ? -6.376  1.534   5.328   1.00 1.17 ? 20 DT B "H5'"  1 
ATOM 615 H "H5''" . DT B 2 8  ? -6.015  2.855   6.452   1.00 1.31 ? 20 DT B "H5''" 1 
ATOM 616 H "H4'"  . DT B 2 8  ? -7.788  4.171   5.648   1.00 1.14 ? 20 DT B "H4'"  1 
ATOM 617 H "H3'"  . DT B 2 8  ? -8.936  1.671   4.589   1.00 1.11 ? 20 DT B "H3'"  1 
ATOM 618 H "H2'"  . DT B 2 8  ? -9.319  2.468   2.410   1.00 0.95 ? 20 DT B "H2'"  1 
ATOM 619 H "H2''" . DT B 2 8  ? -9.571  4.116   2.970   1.00 0.97 ? 20 DT B "H2''" 1 
ATOM 620 H "H1'"  . DT B 2 8  ? -7.518  4.714   2.413   1.00 0.97 ? 20 DT B "H1'"  1 
ATOM 621 H H3     . DT B 2 8  ? -4.398  3.006   -0.438  1.00 0.90 ? 20 DT B H3     1 
ATOM 622 H H71    . DT B 2 8  ? -7.188  -0.576  -1.096  1.00 1.28 ? 20 DT B H71    1 
ATOM 623 H H72    . DT B 2 8  ? -8.329  -0.529  0.270   1.00 1.44 ? 20 DT B H72    1 
ATOM 624 H H73    . DT B 2 8  ? -6.728  -1.278  0.472   1.00 1.47 ? 20 DT B H73    1 
ATOM 625 H H6     . DT B 2 8  ? -8.084  1.157   1.959   1.00 0.92 ? 20 DT B H6     1 
ATOM 626 P P      . DG B 2 9  ? -11.296 3.863   4.593   1.00 1.46 ? 21 DG B P      1 
ATOM 627 O OP1    . DG B 2 9  ? -12.218 4.319   5.663   1.00 2.03 ? 21 DG B OP1    1 
ATOM 628 O OP2    . DG B 2 9  ? -11.758 2.847   3.610   1.00 1.90 ? 21 DG B OP2    1 
ATOM 629 O "O5'"  . DG B 2 9  ? -10.799 5.148   3.789   1.00 1.22 ? 21 DG B "O5'"  1 
ATOM 630 C "C5'"  . DG B 2 9  ? -9.842  6.052   4.351   1.00 1.36 ? 21 DG B "C5'"  1 
ATOM 631 C "C4'"  . DG B 2 9  ? -9.551  7.174   3.381   1.00 1.17 ? 21 DG B "C4'"  1 
ATOM 632 O "O4'"  . DG B 2 9  ? -8.790  6.661   2.257   1.00 1.07 ? 21 DG B "O4'"  1 
ATOM 633 C "C3'"  . DG B 2 9  ? -10.785 7.805   2.750   1.00 1.08 ? 21 DG B "C3'"  1 
ATOM 634 O "O3'"  . DG B 2 9  ? -10.484 9.137   2.318   1.00 1.11 ? 21 DG B "O3'"  1 
ATOM 635 C "C2'"  . DG B 2 9  ? -11.031 6.882   1.575   1.00 0.95 ? 21 DG B "C2'"  1 
ATOM 636 C "C1'"  . DG B 2 9  ? -9.603  6.679   1.084   1.00 0.88 ? 21 DG B "C1'"  1 
ATOM 637 N N9     . DG B 2 9  ? -9.374  5.429   0.366   1.00 0.80 ? 21 DG B N9     1 
ATOM 638 C C8     . DG B 2 9  ? -10.093 4.267   0.491   1.00 0.80 ? 21 DG B C8     1 
ATOM 639 N N7     . DG B 2 9  ? -9.653  3.302   -0.265  1.00 0.76 ? 21 DG B N7     1 
ATOM 640 C C5     . DG B 2 9  ? -8.573  3.860   -0.937  1.00 0.72 ? 21 DG B C5     1 
ATOM 641 C C6     . DG B 2 9  ? -7.699  3.290   -1.893  1.00 0.70 ? 21 DG B C6     1 
ATOM 642 O O6     . DG B 2 9  ? -7.707  2.145   -2.352  1.00 0.73 ? 21 DG B O6     1 
ATOM 643 N N1     . DG B 2 9  ? -6.739  4.202   -2.320  1.00 0.68 ? 21 DG B N1     1 
ATOM 644 C C2     . DG B 2 9  ? -6.641  5.504   -1.887  1.00 0.69 ? 21 DG B C2     1 
ATOM 645 N N2     . DG B 2 9  ? -5.651  6.242   -2.414  1.00 0.69 ? 21 DG B N2     1 
ATOM 646 N N3     . DG B 2 9  ? -7.457  6.049   -0.996  1.00 0.73 ? 21 DG B N3     1 
ATOM 647 C C4     . DG B 2 9  ? -8.391  5.174   -0.565  1.00 0.73 ? 21 DG B C4     1 
ATOM 648 H "H5'"  . DG B 2 9  ? -8.916  5.519   4.566   1.00 1.83 ? 21 DG B "H5'"  1 
ATOM 649 H "H5''" . DG B 2 9  ? -10.234 6.473   5.276   1.00 1.72 ? 21 DG B "H5''" 1 
ATOM 650 H "H4'"  . DG B 2 9  ? -9.034  7.964   3.929   1.00 1.26 ? 21 DG B "H4'"  1 
ATOM 651 H "H3'"  . DG B 2 9  ? -11.626 7.824   3.441   1.00 1.18 ? 21 DG B "H3'"  1 
ATOM 652 H "H2'"  . DG B 2 9  ? -11.489 5.949   1.904   1.00 0.97 ? 21 DG B "H2'"  1 
ATOM 653 H "H2''" . DG B 2 9  ? -11.708 7.330   0.859   1.00 0.98 ? 21 DG B "H2''" 1 
ATOM 654 H "H1'"  . DG B 2 9  ? -9.281  7.516   0.455   1.00 0.83 ? 21 DG B "H1'"  1 
ATOM 655 H H8     . DG B 2 9  ? -10.936 4.163   1.154   1.00 0.85 ? 21 DG B H8     1 
ATOM 656 H H1     . DG B 2 9  ? -6.076  3.849   -3.000  1.00 0.69 ? 21 DG B H1     1 
ATOM 657 H H21    . DG B 2 9  ? -5.002  5.872   -3.099  1.00 0.69 ? 21 DG B H21    1 
ATOM 658 H H22    . DG B 2 9  ? -5.554  7.202   -2.116  1.00 0.72 ? 21 DG B H22    1 
ATOM 659 P P      . DA B 2 10 ? -11.666 10.117  1.843   1.00 1.32 ? 22 DA B P      1 
ATOM 660 O OP1    . DA B 2 10 ? -12.110 10.881  3.036   1.00 1.90 ? 22 DA B OP1    1 
ATOM 661 O OP2    . DA B 2 10 ? -12.660 9.338   1.061   1.00 1.72 ? 22 DA B OP2    1 
ATOM 662 O "O5'"  . DA B 2 10 ? -10.941 11.132  0.850   1.00 1.25 ? 22 DA B "O5'"  1 
ATOM 663 C "C5'"  . DA B 2 10 ? -9.632  10.859  0.341   1.00 1.15 ? 22 DA B "C5'"  1 
ATOM 664 C "C4'"  . DA B 2 10 ? -9.489  11.411  -1.060  1.00 1.15 ? 22 DA B "C4'"  1 
ATOM 665 O "O4'"  . DA B 2 10 ? -9.114  10.338  -1.958  1.00 0.93 ? 22 DA B "O4'"  1 
ATOM 666 C "C3'"  . DA B 2 10 ? -10.765 11.990  -1.660  1.00 1.28 ? 22 DA B "C3'"  1 
ATOM 667 O "O3'"  . DA B 2 10 ? -10.443 12.953  -2.670  1.00 1.53 ? 22 DA B "O3'"  1 
ATOM 668 C "C2'"  . DA B 2 10 ? -11.415 10.761  -2.254  1.00 1.12 ? 22 DA B "C2'"  1 
ATOM 669 C "C1'"  . DA B 2 10 ? -10.209 10.025  -2.815  1.00 0.91 ? 22 DA B "C1'"  1 
ATOM 670 N N9     . DA B 2 10 ? -10.371 8.575   -2.829  1.00 0.73 ? 22 DA B N9     1 
ATOM 671 C C8     . DA B 2 10 ? -11.185 7.859   -2.000  1.00 0.74 ? 22 DA B C8     1 
ATOM 672 N N7     . DA B 2 10 ? -11.124 6.563   -2.183  1.00 0.64 ? 22 DA B N7     1 
ATOM 673 C C5     . DA B 2 10 ? -10.218 6.419   -3.226  1.00 0.54 ? 22 DA B C5     1 
ATOM 674 C C6     . DA B 2 10 ? -9.725  5.292   -3.905  1.00 0.49 ? 22 DA B C6     1 
ATOM 675 N N6     . DA B 2 10 ? -10.070 4.040   -3.617  1.00 0.56 ? 22 DA B N6     1 
ATOM 676 N N1     . DA B 2 10 ? -8.849  5.499   -4.907  1.00 0.47 ? 22 DA B N1     1 
ATOM 677 C C2     . DA B 2 10 ? -8.493  6.753   -5.200  1.00 0.52 ? 22 DA B C2     1 
ATOM 678 N N3     . DA B 2 10 ? -8.876  7.893   -4.630  1.00 0.60 ? 22 DA B N3     1 
ATOM 679 C C4     . DA B 2 10 ? -9.753  7.654   -3.640  1.00 0.60 ? 22 DA B C4     1 
ATOM 680 H "H5'"  . DA B 2 10 ? -9.463  9.783   0.318   1.00 1.37 ? 22 DA B "H5'"  1 
ATOM 681 H "H5''" . DA B 2 10 ? -8.885  11.323  0.985   1.00 1.49 ? 22 DA B "H5''" 1 
ATOM 682 H "H4'"  . DA B 2 10 ? -8.757  12.218  -1.025  1.00 1.39 ? 22 DA B "H4'"  1 
ATOM 683 H "H3'"  . DA B 2 10 ? -11.390 12.452  -0.902  1.00 1.39 ? 22 DA B "H3'"  1 
ATOM 684 H "H2'"  . DA B 2 10 ? -11.928 10.183  -1.486  1.00 1.13 ? 22 DA B "H2'"  1 
ATOM 685 H "H2''" . DA B 2 10 ? -12.151 11.021  -3.002  1.00 1.24 ? 22 DA B "H2''" 1 
ATOM 686 H "H1'"  . DA B 2 10 ? -9.969  10.368  -3.822  1.00 0.96 ? 22 DA B "H1'"  1 
ATOM 687 H H8     . DA B 2 10 ? -11.842 8.328   -1.283  1.00 0.86 ? 22 DA B H8     1 
ATOM 688 H H61    . DA B 2 10 ? -9.680  3.265   -4.136  1.00 0.60 ? 22 DA B H61    1 
ATOM 689 H H62    . DA B 2 10 ? -10.719 3.856   -2.876  1.00 0.63 ? 22 DA B H62    1 
ATOM 690 H H2     . DA B 2 10 ? -7.798  6.857   -6.031  1.00 0.57 ? 22 DA B H2     1 
ATOM 691 P P      . DG B 2 11 ? -11.579 13.953  -3.216  1.00 1.57 ? 23 DG B P      1 
ATOM 692 O OP1    . DG B 2 11 ? -11.266 15.307  -2.690  1.00 1.80 ? 23 DG B OP1    1 
ATOM 693 O OP2    . DG B 2 11 ? -12.912 13.354  -2.953  1.00 1.70 ? 23 DG B OP2    1 
ATOM 694 O "O5'"  . DG B 2 11 ? -11.341 13.969  -4.792  1.00 1.75 ? 23 DG B "O5'"  1 
ATOM 695 C "C5'"  . DG B 2 11 ? -10.198 13.334  -5.367  1.00 1.48 ? 23 DG B "C5'"  1 
ATOM 696 C "C4'"  . DG B 2 11 ? -10.469 12.966  -6.807  1.00 1.48 ? 23 DG B "C4'"  1 
ATOM 697 O "O4'"  . DG B 2 11 ? -10.406 11.525  -6.932  1.00 1.33 ? 23 DG B "O4'"  1 
ATOM 698 C "C3'"  . DG B 2 11 ? -11.841 13.385  -7.336  1.00 1.64 ? 23 DG B "C3'"  1 
ATOM 699 O "O3'"  . DG B 2 11 ? -11.767 13.864  -8.695  1.00 1.80 ? 23 DG B "O3'"  1 
ATOM 700 C "C2'"  . DG B 2 11 ? -12.674 12.118  -7.253  1.00 1.54 ? 23 DG B "C2'"  1 
ATOM 701 C "C1'"  . DG B 2 11 ? -11.661 10.990  -7.327  1.00 1.35 ? 23 DG B "C1'"  1 
ATOM 702 N N9     . DG B 2 11 ? -11.955 9.856   -6.457  1.00 1.19 ? 23 DG B N9     1 
ATOM 703 C C8     . DG B 2 11 ? -12.479 9.893   -5.190  1.00 1.16 ? 23 DG B C8     1 
ATOM 704 N N7     . DG B 2 11 ? -12.622 8.710   -4.657  1.00 1.05 ? 23 DG B N7     1 
ATOM 705 C C5     . DG B 2 11 ? -12.166 7.838   -5.637  1.00 0.98 ? 23 DG B C5     1 
ATOM 706 C C6     . DG B 2 11 ? -12.081 6.420   -5.645  1.00 0.89 ? 23 DG B C6     1 
ATOM 707 O O6     . DG B 2 11 ? -12.409 5.623   -4.759  1.00 0.86 ? 23 DG B O6     1 
ATOM 708 N N1     . DG B 2 11 ? -11.557 5.944   -6.843  1.00 0.90 ? 23 DG B N1     1 
ATOM 709 C C2     . DG B 2 11 ? -11.181 6.736   -7.905  1.00 1.00 ? 23 DG B C2     1 
ATOM 710 N N2     . DG B 2 11 ? -10.719 6.113   -8.989  1.00 1.06 ? 23 DG B N2     1 
ATOM 711 N N3     . DG B 2 11 ? -11.257 8.052   -7.909  1.00 1.09 ? 23 DG B N3     1 
ATOM 712 C C4     . DG B 2 11 ? -11.754 8.533   -6.754  1.00 1.07 ? 23 DG B C4     1 
ATOM 713 H "H5'"  . DG B 2 11 ? -9.960  12.429  -4.807  1.00 1.34 ? 23 DG B "H5'"  1 
ATOM 714 H "H5''" . DG B 2 11 ? -9.344  14.011  -5.328  1.00 1.54 ? 23 DG B "H5''" 1 
ATOM 715 H "H4'"  . DG B 2 11 ? -9.728  13.482  -7.419  1.00 1.55 ? 23 DG B "H4'"  1 
ATOM 716 H "H3'"  . DG B 2 11 ? -12.261 14.173  -6.713  1.00 1.73 ? 23 DG B "H3'"  1 
ATOM 717 H "H2'"  . DG B 2 11 ? -13.263 12.085  -6.335  1.00 1.53 ? 23 DG B "H2'"  1 
ATOM 718 H "H2''" . DG B 2 11 ? -13.367 12.057  -8.086  1.00 1.66 ? 23 DG B "H2''" 1 
ATOM 719 H "H1'"  . DG B 2 11 ? -11.562 10.623  -8.346  1.00 1.37 ? 23 DG B "H1'"  1 
ATOM 720 H H8     . DG B 2 11 ? -12.754 10.808  -4.689  1.00 1.26 ? 23 DG B H8     1 
ATOM 721 H H1     . DG B 2 11 ? -11.443 4.937   -6.913  1.00 0.87 ? 23 DG B H1     1 
ATOM 722 H H21    . DG B 2 11 ? -10.670 5.103   -9.040  1.00 1.03 ? 23 DG B H21    1 
ATOM 723 H H22    . DG B 2 11 ? -10.437 6.664   -9.786  1.00 1.15 ? 23 DG B H22    1 
ATOM 724 P P      . DG B 2 12 ? -11.012 13.006  -9.838  1.00 1.91 ? 24 DG B P      1 
ATOM 725 O OP1    . DG B 2 12 ? -9.704  12.531  -9.319  1.00 2.33 ? 24 DG B OP1    1 
ATOM 726 O OP2    . DG B 2 12 ? -11.047 13.818  -11.080 1.00 2.47 ? 24 DG B OP2    1 
ATOM 727 O "O5'"  . DG B 2 12 ? -11.936 11.730  -10.081 1.00 1.82 ? 24 DG B "O5'"  1 
ATOM 728 C "C5'"  . DG B 2 12 ? -11.454 10.615  -10.840 1.00 1.71 ? 24 DG B "C5'"  1 
ATOM 729 C "C4'"  . DG B 2 12 ? -12.594 9.918   -11.547 1.00 1.81 ? 24 DG B "C4'"  1 
ATOM 730 O "O4'"  . DG B 2 12 ? -13.004 8.777   -10.754 1.00 1.65 ? 24 DG B "O4'"  1 
ATOM 731 C "C3'"  . DG B 2 12 ? -13.852 10.762  -11.748 1.00 2.02 ? 24 DG B "C3'"  1 
ATOM 732 O "O3'"  . DG B 2 12 ? -14.490 10.444  -12.988 1.00 2.22 ? 24 DG B "O3'"  1 
ATOM 733 C "C2'"  . DG B 2 12 ? -14.725 10.352  -10.576 1.00 1.92 ? 24 DG B "C2'"  1 
ATOM 734 C "C1'"  . DG B 2 12 ? -14.384 8.882   -10.446 1.00 1.76 ? 24 DG B "C1'"  1 
ATOM 735 N N9     . DG B 2 12 ? -14.596 8.329   -9.112  1.00 1.60 ? 24 DG B N9     1 
ATOM 736 C C8     . DG B 2 12 ? -14.832 9.039   -7.962  1.00 1.55 ? 24 DG B C8     1 
ATOM 737 N N7     . DG B 2 12 ? -15.002 8.281   -6.915  1.00 1.44 ? 24 DG B N7     1 
ATOM 738 C C5     . DG B 2 12 ? -14.866 6.988   -7.402  1.00 1.40 ? 24 DG B C5     1 
ATOM 739 C C6     . DG B 2 12 ? -14.952 5.744   -6.733  1.00 1.32 ? 24 DG B C6     1 
ATOM 740 O O6     . DG B 2 12 ? -15.176 5.528   -5.539  1.00 1.28 ? 24 DG B O6     1 
ATOM 741 N N1     . DG B 2 12 ? -14.748 4.678   -7.604  1.00 1.35 ? 24 DG B N1     1 
ATOM 742 C C2     . DG B 2 12 ? -14.496 4.796   -8.947  1.00 1.45 ? 24 DG B C2     1 
ATOM 743 N N2     . DG B 2 12 ? -14.323 3.650   -9.616  1.00 1.51 ? 24 DG B N2     1 
ATOM 744 N N3     . DG B 2 12 ? -14.417 5.950   -9.587  1.00 1.53 ? 24 DG B N3     1 
ATOM 745 C C4     . DG B 2 12 ? -14.611 7.000   -8.758  1.00 1.50 ? 24 DG B C4     1 
ATOM 746 H "H5'"  . DG B 2 12 ? -10.966 9.906   -10.174 1.00 1.63 ? 24 DG B "H5'"  1 
ATOM 747 H "H5''" . DG B 2 12 ? -10.733 10.960  -11.581 1.00 1.77 ? 24 DG B "H5''" 1 
ATOM 748 H "H4'"  . DG B 2 12 ? -12.241 9.643   -12.544 1.00 1.91 ? 24 DG B "H4'"  1 
ATOM 749 H "H3'"  . DG B 2 12 ? -13.614 11.824  -11.729 1.00 2.08 ? 24 DG B "H3'"  1 
ATOM 750 H "HO3'" . DG B 2 12 ? -14.374 9.502   -13.134 1.00 2.61 ? 24 DG B "HO3'" 1 
ATOM 751 H "H2'"  . DG B 2 12 ? -14.474 10.916  -9.680  1.00 1.83 ? 24 DG B "H2'"  1 
ATOM 752 H "H2''" . DG B 2 12 ? -15.780 10.523  -10.781 1.00 2.09 ? 24 DG B "H2''" 1 
ATOM 753 H "H1'"  . DG B 2 12 ? -14.940 8.281   -11.168 1.00 1.88 ? 24 DG B "H1'"  1 
ATOM 754 H H8     . DG B 2 12 ? -14.871 10.117  -7.929  1.00 1.63 ? 24 DG B H8     1 
ATOM 755 H H1     . DG B 2 12 ? -14.792 3.749   -7.209  1.00 1.33 ? 24 DG B H1     1 
ATOM 756 H H21    . DG B 2 12 ? -14.381 2.764   -9.132  1.00 1.48 ? 24 DG B H21    1 
ATOM 757 H H22    . DG B 2 12 ? -14.134 3.674   -10.607 1.00 1.61 ? 24 DG B H22    1 
# 
